data_5FWW
#
_entry.id   5FWW
#
_cell.length_a   86.933
_cell.length_b   100.080
_cell.length_c   270.728
_cell.angle_alpha   90.00
_cell.angle_beta   90.00
_cell.angle_gamma   90.00
#
_symmetry.space_group_name_H-M   'C 2 2 21'
#
loop_
_entity.id
_entity.type
_entity.pdbx_description
1 polymer 'LOW-DENSITY LIPOPROTEIN RECEPTOR-RELATED PROTEIN 6'
2 polymer 'KREMEN PROTEIN 1'
3 polymer 'DICKKOPF-RELATED PROTEIN 1'
4 non-polymer 'CALCIUM ION'
#
loop_
_entity_poly.entity_id
_entity_poly.type
_entity_poly.pdbx_seq_one_letter_code
_entity_poly.pdbx_strand_id
1 'polypeptide(L)'
;ADPEAFLLFSRRADIRRISLETNNNNVAIPLTGVKEASALDFDVTDNRIYWTDISLKTISRAFMNGSALEHVVEFGLDYP
EGMAVDWLGKNLYWADTGTNRIEVSKLDGQHRQVLVWKDLDSPRALALDPAEGFMYWTEWGGKPKIDRAAMDGSERTTLV
PNVGRANGLTIDYAKRRLYWTDLDTNLIESSNMLGLNREVIADDLPHPFGLTQYQDYIYWTDWSRRSIERANKTSGQNRT
IIQGHLDYVMDILVFHSSRQSGWNECASSNGHCSHLCLAVPVGGFVCGCPAHYSLNADNRTCSAPTTFLLFSQKSAINRM
VIDEQQSPDIILPIHSLRNVRAIDYDPLDKQLYWIDSRQNMIRKAQEDGSQGFTVVVSSVPSQNLEIQPYDLSIDIYSRY
IYWTCEATNVINVTRLDGRSVGVVLKGEQDRPRAIVVNPEKGYMYFTNLQERSPKIERAALDGTEREVLFFSGLSKPIAL
ALDSRLGKLFWADSDLRRIESSDLSGANRIVLEDSNILQPVGLTVFENWLYWIDKQQQMIEKIDMTGREGRTKVQARIAQ
LSDIHAVKELNLQEYRQHPCAQDNGGCSHICLVKGDGTTRCSCPMHLVLLQDELSCGEP
;
A
2 'polypeptide(L)'
;PECFTANGADYRGTQNWTALQGGKPCLFWNETFQHPYNTLKYPNGEGGLGEHNYCRNPDGDVSPWCYVAEHEDGVYWKYC
EIPACQMPGNLGCYKDHGNPPPLTGTSKTSNKLTIQTCISFCRSQRFKFAGMESGYACFCGNNPDYWKYGEAASTECNSV
CFGDHTQPCGGDGRIILFDTLVGACGGNYSAMSSVVYSPDFPDTYATGRVCYWTIRVPGASHIHFSFPLFDIRDSADMVE
LLDGYTHRVLARFHGRSRPPLSFNVSLDFVILYFFSDRINQAQGFAVLYQAVK
;
B
3 'polypeptide(L)'
;KGQEGSVCLRSSDCASGLCCARHFWSKICKPVLKEGQVCTKHRRKGSHGLEIFQRCYCGEGLSCRIQKDHHQASNSSRLH
TCQRH
;
C
#
# COMPACT_ATOMS: atom_id res chain seq x y z
N ALA A 1 -0.49 -36.28 -12.78
CA ALA A 1 -1.94 -36.08 -13.09
C ALA A 1 -2.19 -36.03 -14.59
N ASP A 2 -3.32 -36.59 -15.02
CA ASP A 2 -3.65 -36.71 -16.45
C ASP A 2 -4.22 -35.48 -17.17
N PRO A 3 -4.72 -34.45 -16.43
CA PRO A 3 -5.10 -33.22 -17.16
C PRO A 3 -3.90 -32.50 -17.77
N GLU A 4 -4.09 -31.92 -18.96
CA GLU A 4 -3.03 -31.18 -19.64
C GLU A 4 -2.71 -29.89 -18.90
N ALA A 5 -1.44 -29.47 -18.97
CA ALA A 5 -0.97 -28.28 -18.26
C ALA A 5 -1.55 -27.01 -18.87
N PHE A 6 -2.24 -26.22 -18.04
CA PHE A 6 -2.85 -24.96 -18.47
C PHE A 6 -2.24 -23.77 -17.72
N LEU A 7 -2.29 -22.60 -18.36
CA LEU A 7 -1.56 -21.42 -17.91
C LEU A 7 -2.51 -20.46 -17.19
N LEU A 8 -2.18 -20.11 -15.95
CA LEU A 8 -2.92 -19.10 -15.17
C LEU A 8 -2.08 -17.83 -15.06
N PHE A 9 -2.76 -16.68 -15.04
CA PHE A 9 -2.08 -15.39 -14.86
C PHE A 9 -2.99 -14.33 -14.22
N SER A 10 -2.41 -13.54 -13.32
CA SER A 10 -3.12 -12.45 -12.64
C SER A 10 -3.06 -11.18 -13.48
N ARG A 11 -4.14 -10.39 -13.44
CA ARG A 11 -4.25 -9.15 -14.21
C ARG A 11 -5.14 -8.13 -13.48
N ARG A 12 -4.54 -7.47 -12.50
CA ARG A 12 -5.18 -6.39 -11.74
C ARG A 12 -6.53 -6.78 -11.09
N ALA A 13 -7.63 -6.60 -11.82
CA ALA A 13 -8.98 -6.82 -11.28
C ALA A 13 -9.41 -8.28 -11.32
N ASP A 14 -8.74 -9.10 -12.13
CA ASP A 14 -9.12 -10.51 -12.32
C ASP A 14 -7.94 -11.42 -12.66
N ILE A 15 -8.12 -12.71 -12.40
CA ILE A 15 -7.16 -13.76 -12.72
C ILE A 15 -7.80 -14.65 -13.78
N ARG A 16 -7.07 -14.91 -14.87
CA ARG A 16 -7.61 -15.64 -16.02
C ARG A 16 -6.78 -16.88 -16.34
N ARG A 17 -7.42 -17.88 -16.96
CA ARG A 17 -6.76 -19.12 -17.39
C ARG A 17 -6.75 -19.26 -18.91
N ILE A 18 -5.66 -19.79 -19.45
CA ILE A 18 -5.51 -20.08 -20.89
C ILE A 18 -4.73 -21.38 -21.10
N SER A 19 -4.84 -21.93 -22.30
CA SER A 19 -4.07 -23.11 -22.69
C SER A 19 -2.67 -22.70 -23.19
N LEU A 20 -1.84 -23.68 -23.50
CA LEU A 20 -0.51 -23.43 -24.08
C LEU A 20 -0.56 -23.08 -25.57
N GLU A 21 -1.70 -23.30 -26.23
CA GLU A 21 -1.86 -23.03 -27.66
C GLU A 21 -1.99 -21.53 -27.94
N THR A 22 -1.63 -21.14 -29.17
CA THR A 22 -1.69 -19.74 -29.61
C THR A 22 -3.13 -19.33 -29.91
N ASN A 23 -3.54 -18.19 -29.35
CA ASN A 23 -4.87 -17.60 -29.57
C ASN A 23 -6.05 -18.51 -29.21
N ASN A 24 -5.88 -19.30 -28.14
CA ASN A 24 -6.92 -20.23 -27.67
C ASN A 24 -7.87 -19.49 -26.71
N ASN A 25 -8.88 -20.20 -26.20
CA ASN A 25 -9.89 -19.61 -25.32
C ASN A 25 -9.30 -18.97 -24.05
N ASN A 26 -9.89 -17.84 -23.64
CA ASN A 26 -9.43 -17.05 -22.51
C ASN A 26 -10.60 -16.75 -21.58
N VAL A 27 -10.60 -17.36 -20.40
CA VAL A 27 -11.71 -17.26 -19.44
C VAL A 27 -11.19 -16.78 -18.09
N ALA A 28 -11.93 -15.85 -17.47
CA ALA A 28 -11.60 -15.34 -16.14
C ALA A 28 -12.08 -16.31 -15.07
N ILE A 29 -11.31 -16.42 -13.98
CA ILE A 29 -11.68 -17.25 -12.83
C ILE A 29 -12.74 -16.48 -12.04
N PRO A 30 -13.91 -17.09 -11.79
CA PRO A 30 -15.01 -16.36 -11.13
C PRO A 30 -14.71 -16.05 -9.66
N LEU A 31 -14.04 -14.92 -9.44
CA LEU A 31 -13.71 -14.42 -8.11
C LEU A 31 -14.50 -13.15 -7.80
N THR A 32 -14.57 -12.80 -6.52
CA THR A 32 -15.36 -11.66 -6.04
C THR A 32 -14.51 -10.76 -5.15
N GLY A 33 -14.62 -9.45 -5.36
CA GLY A 33 -13.91 -8.45 -4.56
C GLY A 33 -12.40 -8.36 -4.80
N VAL A 34 -11.94 -8.78 -5.97
CA VAL A 34 -10.52 -8.70 -6.34
C VAL A 34 -10.26 -7.34 -6.99
N LYS A 35 -9.44 -6.51 -6.34
CA LYS A 35 -9.14 -5.15 -6.79
C LYS A 35 -7.82 -5.07 -7.55
N GLU A 36 -6.75 -5.61 -6.97
CA GLU A 36 -5.40 -5.48 -7.52
C GLU A 36 -4.53 -6.71 -7.21
N ALA A 37 -4.81 -7.81 -7.91
CA ALA A 37 -4.05 -9.06 -7.76
C ALA A 37 -2.65 -8.94 -8.36
N SER A 38 -1.63 -9.35 -7.60
CA SER A 38 -0.23 -9.24 -8.01
C SER A 38 0.45 -10.62 -8.11
N ALA A 39 0.88 -11.18 -6.97
CA ALA A 39 1.57 -12.48 -6.96
C ALA A 39 0.55 -13.62 -7.14
N LEU A 40 1.05 -14.79 -7.53
CA LEU A 40 0.19 -15.93 -7.87
C LEU A 40 0.91 -17.27 -7.70
N ASP A 41 0.26 -18.19 -6.98
CA ASP A 41 0.71 -19.59 -6.88
C ASP A 41 -0.51 -20.51 -6.69
N PHE A 42 -0.29 -21.81 -6.52
CA PHE A 42 -1.37 -22.80 -6.52
C PHE A 42 -1.08 -24.03 -5.66
N ASP A 43 -2.09 -24.89 -5.55
CA ASP A 43 -1.97 -26.19 -4.87
C ASP A 43 -2.78 -27.23 -5.65
N VAL A 44 -2.08 -28.01 -6.48
CA VAL A 44 -2.72 -29.01 -7.36
C VAL A 44 -3.41 -30.16 -6.61
N THR A 45 -2.92 -30.48 -5.41
CA THR A 45 -3.52 -31.52 -4.57
C THR A 45 -4.90 -31.10 -4.04
N ASP A 46 -5.01 -29.85 -3.61
CA ASP A 46 -6.27 -29.28 -3.11
C ASP A 46 -7.13 -28.65 -4.23
N ASN A 47 -6.56 -28.48 -5.43
CA ASN A 47 -7.23 -27.85 -6.57
C ASN A 47 -7.58 -26.38 -6.27
N ARG A 48 -6.57 -25.65 -5.79
CA ARG A 48 -6.75 -24.32 -5.23
C ARG A 48 -5.73 -23.34 -5.82
N ILE A 49 -6.11 -22.06 -5.86
CA ILE A 49 -5.23 -20.98 -6.32
C ILE A 49 -5.07 -19.94 -5.21
N TYR A 50 -3.85 -19.43 -5.06
CA TYR A 50 -3.50 -18.44 -4.04
C TYR A 50 -3.01 -17.18 -4.74
N TRP A 51 -3.37 -16.02 -4.20
CA TRP A 51 -2.92 -14.74 -4.77
C TRP A 51 -2.87 -13.63 -3.73
N THR A 52 -1.99 -12.66 -3.97
CA THR A 52 -1.81 -11.51 -3.08
C THR A 52 -2.44 -10.26 -3.69
N ASP A 53 -3.09 -9.46 -2.84
CA ASP A 53 -3.81 -8.27 -3.27
C ASP A 53 -3.18 -7.03 -2.63
N ILE A 54 -2.46 -6.24 -3.43
CA ILE A 54 -1.77 -5.03 -2.94
C ILE A 54 -2.70 -3.84 -2.64
N SER A 55 -3.94 -3.88 -3.14
CA SER A 55 -4.94 -2.86 -2.81
C SER A 55 -5.65 -3.18 -1.50
N LEU A 56 -6.13 -4.42 -1.39
CA LEU A 56 -6.73 -4.93 -0.14
C LEU A 56 -5.70 -5.15 0.98
N LYS A 57 -4.44 -5.34 0.63
CA LYS A 57 -3.36 -5.71 1.57
C LYS A 57 -3.68 -7.05 2.22
N THR A 58 -3.90 -8.05 1.37
CA THR A 58 -4.30 -9.40 1.80
C THR A 58 -3.68 -10.50 0.93
N ILE A 59 -3.71 -11.72 1.46
CA ILE A 59 -3.33 -12.93 0.72
C ILE A 59 -4.54 -13.87 0.79
N SER A 60 -5.20 -14.10 -0.34
CA SER A 60 -6.44 -14.87 -0.40
C SER A 60 -6.24 -16.23 -1.06
N ARG A 61 -7.29 -17.06 -1.00
CA ARG A 61 -7.32 -18.34 -1.70
C ARG A 61 -8.74 -18.79 -2.05
N ALA A 62 -8.84 -19.60 -3.11
CA ALA A 62 -10.12 -20.18 -3.53
C ALA A 62 -9.88 -21.36 -4.48
N PHE A 63 -10.91 -22.20 -4.65
CA PHE A 63 -10.85 -23.31 -5.61
C PHE A 63 -10.95 -22.79 -7.05
N MET A 64 -10.70 -23.67 -8.02
CA MET A 64 -10.78 -23.31 -9.44
C MET A 64 -12.21 -22.94 -9.88
N ASN A 65 -13.20 -23.55 -9.25
CA ASN A 65 -14.62 -23.21 -9.51
C ASN A 65 -15.07 -21.82 -9.03
N GLY A 66 -14.30 -21.20 -8.13
CA GLY A 66 -14.61 -19.86 -7.59
C GLY A 66 -15.10 -19.88 -6.14
N SER A 67 -15.52 -21.05 -5.65
CA SER A 67 -16.06 -21.19 -4.29
C SER A 67 -14.96 -21.18 -3.24
N ALA A 68 -15.38 -21.05 -1.98
CA ALA A 68 -14.49 -20.99 -0.80
C ALA A 68 -13.50 -19.83 -0.86
N LEU A 69 -14.02 -18.63 -1.13
CA LEU A 69 -13.23 -17.41 -1.13
C LEU A 69 -12.97 -17.00 0.32
N GLU A 70 -11.70 -17.02 0.72
CA GLU A 70 -11.31 -16.70 2.09
C GLU A 70 -9.93 -16.02 2.14
N HIS A 71 -9.80 -15.00 2.98
CA HIS A 71 -8.56 -14.27 3.16
C HIS A 71 -7.66 -14.98 4.18
N VAL A 72 -6.55 -15.53 3.71
CA VAL A 72 -5.63 -16.31 4.53
C VAL A 72 -4.80 -15.41 5.44
N VAL A 73 -4.23 -14.34 4.88
CA VAL A 73 -3.52 -13.31 5.63
C VAL A 73 -4.17 -11.95 5.31
N GLU A 74 -4.49 -11.19 6.35
CA GLU A 74 -5.09 -9.85 6.17
C GLU A 74 -4.75 -8.87 7.32
N PHE A 75 -3.54 -9.00 7.86
CA PHE A 75 -3.03 -8.10 8.90
C PHE A 75 -1.51 -7.97 8.81
N GLY A 76 -1.01 -6.76 8.95
CA GLY A 76 0.44 -6.50 8.91
C GLY A 76 1.06 -6.65 7.54
N LEU A 77 0.30 -6.31 6.50
CA LEU A 77 0.74 -6.38 5.11
C LEU A 77 0.65 -4.98 4.48
N ASP A 78 1.71 -4.58 3.79
CA ASP A 78 1.76 -3.29 3.10
C ASP A 78 1.79 -3.51 1.58
N TYR A 79 2.78 -4.27 1.11
CA TYR A 79 2.89 -4.65 -0.30
C TYR A 79 3.40 -6.10 -0.44
N PRO A 80 2.49 -7.09 -0.33
CA PRO A 80 2.90 -8.48 -0.56
C PRO A 80 3.06 -8.75 -2.07
N GLU A 81 4.22 -8.39 -2.60
CA GLU A 81 4.51 -8.53 -4.02
C GLU A 81 5.02 -9.92 -4.42
N GLY A 82 5.59 -10.65 -3.46
CA GLY A 82 6.03 -12.03 -3.66
C GLY A 82 5.24 -13.00 -2.80
N MET A 83 5.00 -14.19 -3.33
CA MET A 83 4.27 -15.24 -2.62
C MET A 83 4.49 -16.60 -3.28
N ALA A 84 4.47 -17.65 -2.47
CA ALA A 84 4.67 -19.02 -2.97
C ALA A 84 4.10 -20.08 -2.01
N VAL A 85 3.75 -21.22 -2.58
CA VAL A 85 3.07 -22.30 -1.86
C VAL A 85 4.02 -23.49 -1.65
N ASP A 86 4.23 -23.85 -0.38
CA ASP A 86 4.96 -25.06 -0.02
C ASP A 86 3.94 -26.22 -0.03
N TRP A 87 3.85 -26.87 -1.19
CA TRP A 87 2.89 -27.96 -1.42
C TRP A 87 3.13 -29.23 -0.58
N LEU A 88 4.39 -29.55 -0.29
CA LEU A 88 4.74 -30.74 0.49
C LEU A 88 4.41 -30.56 1.98
N GLY A 89 4.99 -29.52 2.58
CA GLY A 89 4.75 -29.21 3.99
C GLY A 89 3.41 -28.56 4.32
N LYS A 90 2.68 -28.13 3.27
CA LYS A 90 1.43 -27.37 3.42
C LYS A 90 1.64 -26.08 4.21
N ASN A 91 2.49 -25.22 3.64
CA ASN A 91 2.79 -23.90 4.19
C ASN A 91 2.68 -22.83 3.09
N LEU A 92 2.51 -21.59 3.52
CA LEU A 92 2.36 -20.44 2.63
C LEU A 92 3.47 -19.43 2.93
N TYR A 93 4.43 -19.31 2.00
CA TYR A 93 5.53 -18.34 2.13
C TYR A 93 5.20 -17.09 1.33
N TRP A 94 5.63 -15.94 1.84
CA TRP A 94 5.49 -14.67 1.12
C TRP A 94 6.51 -13.63 1.54
N ALA A 95 6.75 -12.67 0.65
CA ALA A 95 7.70 -11.57 0.86
C ALA A 95 6.96 -10.25 0.71
N ASP A 96 7.32 -9.29 1.56
CA ASP A 96 6.64 -7.99 1.63
C ASP A 96 7.67 -6.87 1.52
N THR A 97 7.55 -6.05 0.49
CA THR A 97 8.51 -4.97 0.22
C THR A 97 8.34 -3.77 1.16
N GLY A 98 7.10 -3.48 1.56
CA GLY A 98 6.81 -2.37 2.47
C GLY A 98 7.29 -2.61 3.89
N THR A 99 6.93 -3.76 4.44
CA THR A 99 7.32 -4.13 5.80
C THR A 99 8.74 -4.72 5.90
N ASN A 100 9.29 -5.17 4.76
CA ASN A 100 10.61 -5.82 4.68
C ASN A 100 10.69 -7.08 5.55
N ARG A 101 9.83 -8.04 5.23
CA ARG A 101 9.77 -9.33 5.93
C ARG A 101 9.48 -10.47 4.97
N ILE A 102 10.18 -11.60 5.16
CA ILE A 102 9.86 -12.86 4.51
C ILE A 102 9.22 -13.76 5.57
N GLU A 103 7.91 -13.96 5.46
CA GLU A 103 7.13 -14.68 6.48
C GLU A 103 6.64 -16.03 5.98
N VAL A 104 6.20 -16.87 6.92
CA VAL A 104 5.62 -18.18 6.62
C VAL A 104 4.50 -18.52 7.61
N SER A 105 3.48 -19.21 7.10
CA SER A 105 2.39 -19.74 7.92
C SER A 105 1.85 -21.02 7.28
N LYS A 106 0.80 -21.59 7.87
CA LYS A 106 0.05 -22.69 7.23
C LYS A 106 -0.77 -22.14 6.07
N LEU A 107 -1.26 -23.03 5.21
CA LEU A 107 -2.05 -22.64 4.03
C LEU A 107 -3.37 -21.95 4.39
N ASP A 108 -3.99 -22.34 5.51
CA ASP A 108 -5.20 -21.68 6.00
C ASP A 108 -4.92 -20.32 6.67
N GLY A 109 -3.71 -20.11 7.19
CA GLY A 109 -3.25 -18.81 7.67
C GLY A 109 -2.69 -18.77 9.08
N GLN A 110 -3.18 -19.66 9.94
CA GLN A 110 -2.74 -19.71 11.34
C GLN A 110 -1.26 -20.12 11.49
N HIS A 111 -0.69 -19.76 12.64
CA HIS A 111 0.72 -20.04 12.99
C HIS A 111 1.69 -19.26 12.09
N ARG A 112 1.51 -17.94 12.01
CA ARG A 112 2.42 -17.08 11.26
C ARG A 112 3.75 -16.92 11.99
N GLN A 113 4.85 -16.93 11.21
CA GLN A 113 6.20 -16.75 11.74
C GLN A 113 7.05 -15.99 10.72
N VAL A 114 7.85 -15.05 11.20
CA VAL A 114 8.76 -14.27 10.36
C VAL A 114 10.08 -15.02 10.29
N LEU A 115 10.54 -15.31 9.07
CA LEU A 115 11.77 -16.06 8.84
C LEU A 115 12.97 -15.12 8.71
N VAL A 116 12.84 -14.11 7.85
CA VAL A 116 13.89 -13.11 7.63
C VAL A 116 13.30 -11.73 7.87
N TRP A 117 13.97 -10.93 8.71
CA TRP A 117 13.59 -9.53 8.97
C TRP A 117 14.78 -8.56 9.02
N LYS A 118 15.88 -8.97 9.66
CA LYS A 118 17.13 -8.19 9.64
C LYS A 118 17.72 -8.13 8.24
N ASP A 119 18.29 -6.96 7.90
CA ASP A 119 19.08 -6.77 6.66
C ASP A 119 18.29 -7.03 5.37
N LEU A 120 16.99 -6.74 5.38
CA LEU A 120 16.14 -6.86 4.19
C LEU A 120 15.87 -5.47 3.62
N ASP A 121 15.88 -5.37 2.29
CA ASP A 121 15.61 -4.12 1.59
C ASP A 121 14.77 -4.40 0.34
N SER A 122 13.47 -4.55 0.57
CA SER A 122 12.45 -4.78 -0.47
C SER A 122 12.62 -6.13 -1.20
N PRO A 123 12.24 -7.25 -0.54
CA PRO A 123 12.29 -8.54 -1.23
C PRO A 123 11.07 -8.72 -2.15
N ARG A 124 11.31 -8.74 -3.46
CA ARG A 124 10.23 -8.79 -4.45
C ARG A 124 9.72 -10.22 -4.69
N ALA A 125 10.33 -10.96 -5.62
CA ALA A 125 9.81 -12.26 -6.05
C ALA A 125 10.21 -13.36 -5.06
N LEU A 126 9.60 -14.53 -5.21
CA LEU A 126 9.85 -15.66 -4.31
C LEU A 126 9.61 -17.00 -5.02
N ALA A 127 10.57 -17.91 -4.90
CA ALA A 127 10.51 -19.24 -5.50
C ALA A 127 10.95 -20.29 -4.48
N LEU A 128 10.05 -21.22 -4.15
CA LEU A 128 10.33 -22.27 -3.17
C LEU A 128 10.81 -23.55 -3.83
N ASP A 129 11.37 -24.44 -3.01
CA ASP A 129 11.86 -25.74 -3.44
C ASP A 129 11.86 -26.70 -2.24
N PRO A 130 10.66 -27.13 -1.79
CA PRO A 130 10.56 -27.97 -0.59
C PRO A 130 11.08 -29.40 -0.72
N ALA A 131 11.27 -29.88 -1.95
CA ALA A 131 11.95 -31.16 -2.20
C ALA A 131 13.41 -31.10 -1.77
N GLU A 132 14.07 -29.98 -2.07
CA GLU A 132 15.48 -29.75 -1.71
C GLU A 132 15.65 -28.95 -0.40
N GLY A 133 14.59 -28.25 0.02
CA GLY A 133 14.60 -27.50 1.29
C GLY A 133 15.24 -26.12 1.20
N PHE A 134 15.25 -25.52 0.02
CA PHE A 134 15.76 -24.16 -0.20
C PHE A 134 14.64 -23.23 -0.66
N MET A 135 14.80 -21.94 -0.36
CA MET A 135 13.93 -20.89 -0.90
C MET A 135 14.79 -19.78 -1.50
N TYR A 136 14.34 -19.26 -2.64
CA TYR A 136 15.08 -18.26 -3.42
C TYR A 136 14.18 -17.04 -3.60
N TRP A 137 14.75 -15.84 -3.42
CA TRP A 137 13.99 -14.59 -3.58
C TRP A 137 14.84 -13.47 -4.19
N THR A 138 14.19 -12.60 -4.95
CA THR A 138 14.82 -11.42 -5.53
C THR A 138 14.66 -10.24 -4.56
N GLU A 139 15.67 -9.37 -4.52
CA GLU A 139 15.69 -8.22 -3.61
C GLU A 139 15.91 -6.92 -4.39
N TRP A 140 15.10 -5.90 -4.09
CA TRP A 140 15.03 -4.65 -4.84
C TRP A 140 15.48 -3.46 -3.99
N GLY A 141 16.66 -3.58 -3.38
CA GLY A 141 17.21 -2.54 -2.51
C GLY A 141 18.02 -1.49 -3.28
N GLY A 142 18.90 -0.81 -2.54
CA GLY A 142 19.88 0.10 -3.14
C GLY A 142 20.89 -0.66 -3.98
N LYS A 143 21.29 -1.83 -3.48
CA LYS A 143 22.04 -2.83 -4.24
C LYS A 143 21.12 -4.06 -4.41
N PRO A 144 20.42 -4.17 -5.56
CA PRO A 144 19.56 -5.35 -5.79
C PRO A 144 20.34 -6.66 -5.92
N LYS A 145 19.71 -7.77 -5.55
CA LYS A 145 20.36 -9.09 -5.50
C LYS A 145 19.35 -10.22 -5.44
N ILE A 146 19.83 -11.45 -5.63
CA ILE A 146 19.01 -12.67 -5.50
C ILE A 146 19.63 -13.55 -4.41
N ASP A 147 18.99 -13.60 -3.24
CA ASP A 147 19.49 -14.37 -2.09
C ASP A 147 18.86 -15.75 -2.01
N ARG A 148 19.52 -16.63 -1.26
CA ARG A 148 19.06 -17.99 -1.00
C ARG A 148 19.15 -18.28 0.48
N ALA A 149 18.19 -19.05 1.00
CA ALA A 149 18.22 -19.55 2.37
C ALA A 149 17.45 -20.86 2.48
N ALA A 150 17.63 -21.54 3.60
CA ALA A 150 16.82 -22.72 3.94
C ALA A 150 15.39 -22.27 4.27
N MET A 151 14.42 -23.16 4.06
CA MET A 151 13.00 -22.82 4.24
C MET A 151 12.55 -22.63 5.70
N ASP A 152 13.47 -22.73 6.66
CA ASP A 152 13.25 -22.24 8.03
C ASP A 152 13.94 -20.89 8.32
N GLY A 153 14.35 -20.18 7.26
CA GLY A 153 15.04 -18.90 7.40
C GLY A 153 16.48 -18.99 7.91
N SER A 154 17.10 -20.16 7.74
CA SER A 154 18.48 -20.40 8.15
C SER A 154 19.40 -20.45 6.93
N GLU A 155 20.70 -20.22 7.17
CA GLU A 155 21.74 -20.29 6.13
C GLU A 155 21.50 -19.28 4.98
N ARG A 156 21.24 -18.02 5.34
CA ARG A 156 21.01 -16.97 4.34
C ARG A 156 22.32 -16.60 3.65
N THR A 157 22.26 -16.38 2.34
CA THR A 157 23.42 -16.01 1.54
C THR A 157 23.02 -15.43 0.18
N THR A 158 23.82 -14.48 -0.31
CA THR A 158 23.59 -13.85 -1.62
C THR A 158 24.08 -14.80 -2.72
N LEU A 159 23.20 -15.13 -3.65
CA LEU A 159 23.48 -16.12 -4.69
C LEU A 159 24.08 -15.48 -5.95
N VAL A 160 23.54 -14.33 -6.34
CA VAL A 160 24.08 -13.53 -7.45
C VAL A 160 23.89 -12.01 -7.15
N PRO A 161 24.97 -11.32 -6.72
CA PRO A 161 24.83 -9.90 -6.37
C PRO A 161 24.66 -8.96 -7.58
N ASN A 162 25.46 -9.16 -8.63
CA ASN A 162 25.47 -8.26 -9.79
C ASN A 162 24.24 -8.43 -10.68
N VAL A 163 23.10 -7.92 -10.22
CA VAL A 163 21.83 -8.03 -10.95
C VAL A 163 20.91 -6.87 -10.59
N GLY A 164 20.04 -6.49 -11.53
CA GLY A 164 19.08 -5.41 -11.32
C GLY A 164 17.84 -5.87 -10.57
N ARG A 165 16.72 -5.20 -10.85
CA ARG A 165 15.43 -5.55 -10.25
C ARG A 165 14.86 -6.82 -10.90
N ALA A 166 15.21 -7.97 -10.32
CA ALA A 166 14.81 -9.27 -10.85
C ALA A 166 13.36 -9.58 -10.48
N ASN A 167 12.61 -10.13 -11.44
CA ASN A 167 11.19 -10.47 -11.25
C ASN A 167 10.82 -11.78 -11.95
N GLY A 168 9.82 -12.47 -11.41
CA GLY A 168 9.36 -13.75 -11.96
C GLY A 168 10.37 -14.86 -11.73
N LEU A 169 10.87 -14.96 -10.49
CA LEU A 169 11.83 -15.97 -10.13
C LEU A 169 11.16 -17.34 -10.14
N THR A 170 11.65 -18.23 -11.00
CA THR A 170 11.06 -19.56 -11.20
C THR A 170 12.16 -20.61 -11.36
N ILE A 171 11.92 -21.79 -10.79
CA ILE A 171 12.91 -22.87 -10.75
C ILE A 171 12.56 -23.94 -11.77
N ASP A 172 13.53 -24.26 -12.65
CA ASP A 172 13.43 -25.42 -13.52
C ASP A 172 13.95 -26.63 -12.73
N TYR A 173 13.01 -27.42 -12.22
CA TYR A 173 13.32 -28.52 -11.30
C TYR A 173 13.99 -29.72 -11.99
N ALA A 174 13.68 -29.93 -13.27
CA ALA A 174 14.22 -31.06 -14.03
C ALA A 174 15.72 -30.91 -14.32
N LYS A 175 16.10 -29.79 -14.91
CA LYS A 175 17.50 -29.50 -15.27
C LYS A 175 18.27 -28.70 -14.19
N ARG A 176 17.59 -28.30 -13.11
CA ARG A 176 18.20 -27.55 -12.00
C ARG A 176 18.80 -26.21 -12.43
N ARG A 177 17.92 -25.26 -12.75
CA ARG A 177 18.30 -23.89 -13.11
C ARG A 177 17.26 -22.88 -12.63
N LEU A 178 17.73 -21.67 -12.29
CA LEU A 178 16.87 -20.55 -11.89
C LEU A 178 16.73 -19.58 -13.05
N TYR A 179 15.49 -19.17 -13.35
CA TYR A 179 15.19 -18.19 -14.41
C TYR A 179 14.56 -16.94 -13.80
N TRP A 180 14.88 -15.77 -14.37
CA TRP A 180 14.31 -14.50 -13.92
C TRP A 180 14.37 -13.41 -15.01
N THR A 181 13.39 -12.51 -14.99
CA THR A 181 13.39 -11.32 -15.84
C THR A 181 14.11 -10.19 -15.10
N ASP A 182 14.76 -9.30 -15.84
CA ASP A 182 15.39 -8.10 -15.27
C ASP A 182 14.70 -6.87 -15.87
N LEU A 183 14.17 -6.01 -14.99
CA LEU A 183 13.42 -4.82 -15.43
C LEU A 183 14.32 -3.66 -15.86
N ASP A 184 15.53 -3.59 -15.30
CA ASP A 184 16.48 -2.53 -15.66
C ASP A 184 17.06 -2.73 -17.06
N THR A 185 17.59 -3.92 -17.31
CA THR A 185 18.24 -4.26 -18.59
C THR A 185 17.30 -4.87 -19.64
N ASN A 186 16.08 -5.27 -19.24
CA ASN A 186 15.07 -5.84 -20.14
C ASN A 186 15.53 -7.13 -20.82
N LEU A 187 15.89 -8.12 -20.00
CA LEU A 187 16.34 -9.43 -20.49
C LEU A 187 15.97 -10.57 -19.54
N ILE A 188 15.96 -11.79 -20.08
CA ILE A 188 15.69 -13.00 -19.31
C ILE A 188 17.00 -13.78 -19.17
N GLU A 189 17.49 -13.88 -17.94
CA GLU A 189 18.74 -14.59 -17.63
C GLU A 189 18.47 -15.94 -16.97
N SER A 190 19.50 -16.79 -16.94
CA SER A 190 19.42 -18.11 -16.33
C SER A 190 20.76 -18.52 -15.70
N SER A 191 20.67 -19.22 -14.57
CA SER A 191 21.84 -19.73 -13.86
C SER A 191 21.50 -21.01 -13.11
N ASN A 192 22.52 -21.75 -12.66
CA ASN A 192 22.31 -22.97 -11.86
C ASN A 192 21.82 -22.65 -10.44
N MET A 193 21.63 -23.68 -9.61
CA MET A 193 21.06 -23.50 -8.27
C MET A 193 22.01 -22.82 -7.25
N LEU A 194 23.28 -22.63 -7.61
CA LEU A 194 24.24 -21.87 -6.80
C LEU A 194 24.58 -20.47 -7.39
N GLY A 195 23.81 -20.03 -8.39
CA GLY A 195 24.00 -18.70 -8.99
C GLY A 195 25.23 -18.54 -9.86
N LEU A 196 25.74 -19.65 -10.41
CA LEU A 196 26.87 -19.65 -11.33
C LEU A 196 26.41 -20.20 -12.68
N ASN A 197 27.32 -20.17 -13.67
CA ASN A 197 27.00 -20.54 -15.06
C ASN A 197 25.88 -19.65 -15.61
N ARG A 198 26.09 -18.34 -15.46
CA ARG A 198 25.08 -17.33 -15.74
C ARG A 198 25.03 -17.04 -17.25
N GLU A 199 23.88 -17.29 -17.86
CA GLU A 199 23.70 -17.13 -19.31
C GLU A 199 22.44 -16.31 -19.60
N VAL A 200 22.51 -15.47 -20.64
CA VAL A 200 21.38 -14.65 -21.07
C VAL A 200 20.56 -15.45 -22.08
N ILE A 201 19.28 -15.67 -21.78
CA ILE A 201 18.40 -16.47 -22.64
C ILE A 201 17.86 -15.60 -23.78
N ALA A 202 17.29 -14.44 -23.41
CA ALA A 202 16.74 -13.49 -24.38
C ALA A 202 17.10 -12.06 -24.00
N ASP A 203 17.79 -11.35 -24.89
CA ASP A 203 18.19 -9.94 -24.67
C ASP A 203 17.33 -8.92 -25.42
N ASP A 204 16.82 -9.29 -26.61
CA ASP A 204 16.02 -8.38 -27.45
C ASP A 204 14.51 -8.44 -27.12
N LEU A 205 14.18 -8.12 -25.87
CA LEU A 205 12.80 -8.03 -25.39
C LEU A 205 12.55 -6.60 -24.89
N PRO A 206 11.38 -6.01 -25.22
CA PRO A 206 11.12 -4.62 -24.84
C PRO A 206 10.91 -4.39 -23.33
N HIS A 207 10.06 -5.22 -22.71
CA HIS A 207 9.76 -5.09 -21.27
C HIS A 207 9.23 -6.41 -20.69
N PRO A 208 10.11 -7.42 -20.54
CA PRO A 208 9.71 -8.70 -19.96
C PRO A 208 9.54 -8.60 -18.44
N PHE A 209 8.41 -9.10 -17.92
CA PHE A 209 8.02 -8.87 -16.52
C PHE A 209 7.76 -10.17 -15.75
N GLY A 210 6.60 -10.80 -15.97
CA GLY A 210 6.26 -12.07 -15.31
C GLY A 210 7.00 -13.21 -15.98
N LEU A 211 7.11 -14.35 -15.29
CA LEU A 211 7.86 -15.50 -15.83
C LEU A 211 7.51 -16.82 -15.14
N THR A 212 7.54 -17.90 -15.92
CA THR A 212 7.41 -19.28 -15.43
C THR A 212 7.99 -20.24 -16.48
N GLN A 213 8.04 -21.54 -16.16
CA GLN A 213 8.58 -22.54 -17.10
C GLN A 213 7.92 -23.91 -16.97
N TYR A 214 8.01 -24.69 -18.05
CA TYR A 214 7.39 -26.02 -18.13
C TYR A 214 7.97 -26.81 -19.31
N GLN A 215 8.28 -28.09 -19.07
CA GLN A 215 8.87 -28.99 -20.07
C GLN A 215 10.22 -28.50 -20.64
N ASP A 216 10.21 -27.84 -21.79
CA ASP A 216 11.41 -27.26 -22.39
C ASP A 216 11.10 -25.87 -22.98
N TYR A 217 10.30 -25.09 -22.24
CA TYR A 217 9.90 -23.74 -22.63
C TYR A 217 9.82 -22.85 -21.39
N ILE A 218 10.04 -21.54 -21.59
CA ILE A 218 9.75 -20.52 -20.58
C ILE A 218 8.60 -19.66 -21.09
N TYR A 219 7.70 -19.29 -20.19
CA TYR A 219 6.54 -18.45 -20.52
C TYR A 219 6.64 -17.15 -19.73
N TRP A 220 6.72 -16.01 -20.44
CA TRP A 220 6.82 -14.70 -19.81
C TRP A 220 5.76 -13.73 -20.30
N THR A 221 5.57 -12.64 -19.54
CA THR A 221 4.61 -11.59 -19.85
C THR A 221 5.36 -10.32 -20.25
N ASP A 222 4.78 -9.55 -21.16
CA ASP A 222 5.39 -8.31 -21.66
C ASP A 222 4.42 -7.14 -21.56
N TRP A 223 4.83 -6.08 -20.87
CA TRP A 223 4.02 -4.87 -20.69
C TRP A 223 3.94 -4.01 -21.96
N SER A 224 5.04 -3.93 -22.71
CA SER A 224 5.12 -3.10 -23.92
C SER A 224 4.31 -3.69 -25.07
N ARG A 225 4.58 -4.97 -25.37
CA ARG A 225 3.88 -5.68 -26.45
C ARG A 225 2.46 -6.15 -26.05
N ARG A 226 2.16 -6.14 -24.74
CA ARG A 226 0.83 -6.52 -24.21
C ARG A 226 0.49 -7.96 -24.60
N SER A 227 1.32 -8.90 -24.15
CA SER A 227 1.25 -10.28 -24.59
C SER A 227 1.88 -11.28 -23.63
N ILE A 228 1.43 -12.54 -23.74
CA ILE A 228 2.04 -13.69 -23.08
C ILE A 228 2.76 -14.47 -24.18
N GLU A 229 4.08 -14.58 -24.07
CA GLU A 229 4.92 -15.25 -25.07
C GLU A 229 5.68 -16.42 -24.46
N ARG A 230 6.12 -17.34 -25.32
CA ARG A 230 7.03 -18.41 -24.89
C ARG A 230 8.21 -18.56 -25.85
N ALA A 231 9.24 -19.26 -25.36
CA ALA A 231 10.44 -19.55 -26.15
C ALA A 231 11.20 -20.72 -25.54
N ASN A 232 12.18 -21.24 -26.29
CA ASN A 232 13.02 -22.34 -25.83
C ASN A 232 13.85 -21.88 -24.63
N LYS A 233 13.75 -22.61 -23.52
CA LYS A 233 14.33 -22.20 -22.23
C LYS A 233 15.86 -22.03 -22.26
N THR A 234 16.55 -22.94 -22.95
CA THR A 234 18.01 -22.88 -23.07
C THR A 234 18.47 -21.95 -24.20
N SER A 235 17.90 -22.15 -25.39
CA SER A 235 18.33 -21.42 -26.60
C SER A 235 17.80 -19.97 -26.63
N GLY A 236 16.52 -19.81 -26.33
CA GLY A 236 15.83 -18.51 -26.45
C GLY A 236 15.22 -18.25 -27.82
N GLN A 237 15.11 -19.30 -28.64
CA GLN A 237 14.50 -19.22 -29.98
C GLN A 237 13.25 -20.11 -30.01
N ASN A 238 12.69 -20.34 -31.20
CA ASN A 238 11.40 -21.03 -31.38
C ASN A 238 10.27 -20.24 -30.70
N ARG A 239 10.28 -18.94 -30.94
CA ARG A 239 9.43 -17.99 -30.22
C ARG A 239 8.02 -17.90 -30.81
N THR A 240 7.01 -17.96 -29.94
CA THR A 240 5.61 -17.87 -30.34
C THR A 240 4.80 -17.11 -29.28
N ILE A 241 3.95 -16.18 -29.71
CA ILE A 241 3.07 -15.44 -28.81
C ILE A 241 1.82 -16.29 -28.55
N ILE A 242 1.52 -16.53 -27.27
CA ILE A 242 0.38 -17.36 -26.86
C ILE A 242 -0.89 -16.51 -26.89
N GLN A 243 -0.85 -15.36 -26.22
CA GLN A 243 -1.98 -14.42 -26.18
C GLN A 243 -1.52 -12.98 -26.38
N GLY A 244 -2.43 -12.14 -26.84
CA GLY A 244 -2.19 -10.71 -27.06
C GLY A 244 -3.32 -9.86 -26.51
N HIS A 245 -3.13 -8.54 -26.59
CA HIS A 245 -4.09 -7.55 -26.08
C HIS A 245 -4.36 -7.68 -24.56
N LEU A 246 -3.32 -8.01 -23.79
CA LEU A 246 -3.42 -8.18 -22.34
C LEU A 246 -2.68 -7.06 -21.62
N ASP A 247 -3.44 -6.13 -21.05
CA ASP A 247 -2.88 -4.96 -20.36
C ASP A 247 -2.49 -5.28 -18.92
N TYR A 248 -1.25 -4.97 -18.57
CA TYR A 248 -0.78 -4.98 -17.17
C TYR A 248 -0.83 -6.37 -16.51
N VAL A 249 -0.23 -7.35 -17.17
CA VAL A 249 -0.21 -8.73 -16.68
C VAL A 249 0.89 -8.84 -15.62
N MET A 250 0.50 -9.18 -14.39
CA MET A 250 1.43 -9.14 -13.25
C MET A 250 2.28 -10.41 -13.15
N ASP A 251 1.64 -11.55 -12.87
CA ASP A 251 2.34 -12.82 -12.67
C ASP A 251 1.73 -13.88 -13.59
N ILE A 252 2.56 -14.86 -13.96
CA ILE A 252 2.15 -15.98 -14.81
C ILE A 252 2.70 -17.29 -14.23
N LEU A 253 1.97 -18.38 -14.47
CA LEU A 253 2.26 -19.66 -13.85
C LEU A 253 1.68 -20.83 -14.65
N VAL A 254 2.27 -22.01 -14.46
CA VAL A 254 1.81 -23.24 -15.13
C VAL A 254 1.14 -24.16 -14.10
N PHE A 255 -0.16 -24.39 -14.28
CA PHE A 255 -0.93 -25.27 -13.39
C PHE A 255 -0.82 -26.71 -13.87
N HIS A 256 0.04 -27.49 -13.20
CA HIS A 256 0.22 -28.92 -13.51
C HIS A 256 0.82 -29.66 -12.31
N SER A 257 0.56 -30.95 -12.23
CA SER A 257 1.02 -31.78 -11.10
C SER A 257 2.54 -32.00 -11.08
N SER A 258 3.14 -32.11 -12.26
CA SER A 258 4.60 -32.28 -12.39
C SER A 258 5.42 -31.09 -11.89
N ARG A 259 4.83 -29.89 -11.91
CA ARG A 259 5.44 -28.70 -11.31
C ARG A 259 5.61 -28.86 -9.80
N GLN A 260 4.57 -29.41 -9.14
CA GLN A 260 4.60 -29.68 -7.71
C GLN A 260 4.88 -31.15 -7.43
N SER A 261 6.14 -31.54 -7.65
CA SER A 261 6.63 -32.91 -7.44
C SER A 261 7.67 -32.92 -6.31
N GLY A 262 8.25 -34.11 -6.06
CA GLY A 262 9.26 -34.27 -5.01
C GLY A 262 8.63 -34.74 -3.71
N TRP A 263 9.47 -34.85 -2.67
CA TRP A 263 9.02 -35.33 -1.35
C TRP A 263 10.02 -34.99 -0.24
N ASN A 264 9.50 -34.82 0.97
CA ASN A 264 10.31 -34.63 2.17
C ASN A 264 9.62 -35.24 3.40
N GLU A 265 10.28 -35.15 4.56
CA GLU A 265 9.70 -35.65 5.82
C GLU A 265 8.44 -34.89 6.27
N CYS A 266 8.33 -33.62 5.88
CA CYS A 266 7.14 -32.81 6.22
C CYS A 266 5.85 -33.22 5.52
N ALA A 267 5.96 -33.90 4.38
CA ALA A 267 4.79 -34.45 3.69
C ALA A 267 4.18 -35.64 4.46
N SER A 268 5.02 -36.38 5.18
CA SER A 268 4.56 -37.51 6.01
C SER A 268 4.28 -37.06 7.46
N SER A 269 2.99 -36.95 7.78
CA SER A 269 2.50 -36.63 9.14
C SER A 269 2.98 -35.28 9.70
N ASN A 270 3.28 -34.33 8.82
CA ASN A 270 3.80 -33.00 9.19
C ASN A 270 5.10 -33.04 10.01
N GLY A 271 5.92 -34.07 9.79
CA GLY A 271 7.15 -34.31 10.56
C GLY A 271 6.97 -34.42 12.07
N HIS A 272 5.78 -34.84 12.50
CA HIS A 272 5.37 -34.85 13.92
C HIS A 272 5.45 -33.49 14.63
N CYS A 273 5.43 -32.38 13.87
CA CYS A 273 5.57 -31.04 14.44
C CYS A 273 4.23 -30.56 14.96
N SER A 274 4.26 -29.82 16.08
CA SER A 274 3.04 -29.32 16.72
C SER A 274 2.40 -28.16 15.95
N HIS A 275 3.21 -27.32 15.31
CA HIS A 275 2.74 -26.14 14.59
C HIS A 275 3.17 -26.10 13.13
N LEU A 276 4.45 -25.81 12.86
CA LEU A 276 4.98 -25.69 11.50
C LEU A 276 6.01 -26.76 11.22
N CYS A 277 6.06 -27.23 9.97
CA CYS A 277 7.11 -28.12 9.49
C CYS A 277 7.86 -27.40 8.37
N LEU A 278 9.13 -27.09 8.62
CA LEU A 278 9.97 -26.32 7.70
C LEU A 278 11.10 -27.20 7.19
N ALA A 279 11.17 -27.35 5.86
CA ALA A 279 12.21 -28.18 5.23
C ALA A 279 13.57 -27.48 5.29
N VAL A 280 14.63 -28.29 5.32
CA VAL A 280 16.02 -27.80 5.33
C VAL A 280 16.89 -28.67 4.42
N PRO A 281 17.99 -28.11 3.87
CA PRO A 281 18.83 -28.89 2.94
C PRO A 281 19.66 -29.99 3.60
N VAL A 282 20.12 -29.76 4.83
CA VAL A 282 20.91 -30.75 5.59
C VAL A 282 20.14 -31.17 6.84
N GLY A 283 19.69 -32.43 6.85
CA GLY A 283 18.90 -33.00 7.96
C GLY A 283 17.40 -33.14 7.70
N GLY A 284 16.98 -33.05 6.44
CA GLY A 284 15.58 -33.26 6.07
C GLY A 284 14.69 -32.06 6.34
N PHE A 285 14.40 -31.83 7.62
CA PHE A 285 13.51 -30.75 8.05
C PHE A 285 13.82 -30.25 9.47
N VAL A 286 13.06 -29.26 9.92
CA VAL A 286 13.08 -28.80 11.31
C VAL A 286 11.71 -28.21 11.68
N CYS A 287 11.23 -28.53 12.89
CA CYS A 287 9.92 -28.06 13.35
C CYS A 287 10.00 -26.59 13.79
N GLY A 288 9.23 -25.74 13.11
CA GLY A 288 9.11 -24.32 13.47
C GLY A 288 7.91 -24.07 14.35
N CYS A 289 7.85 -22.86 14.91
CA CYS A 289 6.74 -22.40 15.74
C CYS A 289 6.21 -21.08 15.19
N PRO A 290 5.06 -20.58 15.70
CA PRO A 290 4.61 -19.23 15.33
C PRO A 290 5.54 -18.11 15.78
N ALA A 291 5.19 -16.87 15.44
CA ALA A 291 5.97 -15.70 15.83
C ALA A 291 6.02 -15.61 17.36
N HIS A 292 7.24 -15.46 17.89
CA HIS A 292 7.51 -15.32 19.34
C HIS A 292 7.49 -16.62 20.16
N TYR A 293 6.89 -17.69 19.63
CA TYR A 293 6.79 -18.98 20.32
C TYR A 293 8.18 -19.63 20.49
N SER A 294 8.39 -20.26 21.64
CA SER A 294 9.65 -20.94 21.94
C SER A 294 9.55 -22.42 21.60
N LEU A 295 10.42 -22.90 20.70
CA LEU A 295 10.50 -24.32 20.38
C LEU A 295 11.13 -25.06 21.56
N ASN A 296 10.44 -26.08 22.06
CA ASN A 296 10.91 -26.84 23.22
C ASN A 296 12.07 -27.76 22.87
N ALA A 297 12.71 -28.32 23.89
CA ALA A 297 13.93 -29.13 23.74
C ALA A 297 13.76 -30.42 22.92
N ASP A 298 12.53 -30.95 22.88
CA ASP A 298 12.22 -32.14 22.08
C ASP A 298 12.24 -31.95 20.54
N ASN A 299 12.35 -30.70 20.08
CA ASN A 299 12.39 -30.35 18.65
C ASN A 299 11.09 -30.69 17.91
N ARG A 300 9.97 -30.55 18.61
CA ARG A 300 8.63 -30.80 18.05
C ARG A 300 7.63 -29.75 18.54
N THR A 301 7.36 -29.77 19.85
CA THR A 301 6.32 -28.93 20.46
C THR A 301 6.80 -27.51 20.71
N CYS A 302 5.83 -26.59 20.76
CA CYS A 302 6.09 -25.16 20.98
C CYS A 302 5.31 -24.65 22.18
N SER A 303 5.82 -23.56 22.77
CA SER A 303 5.14 -22.86 23.85
C SER A 303 5.09 -21.37 23.50
N ALA A 304 3.95 -20.73 23.78
CA ALA A 304 3.75 -19.30 23.53
C ALA A 304 4.79 -18.45 24.27
N PRO A 305 5.13 -17.25 23.73
CA PRO A 305 6.18 -16.43 24.34
C PRO A 305 5.98 -16.21 25.84
N THR A 306 7.02 -16.47 26.62
CA THR A 306 6.94 -16.39 28.08
C THR A 306 6.65 -14.96 28.53
N THR A 307 7.49 -14.03 28.06
CA THR A 307 7.34 -12.60 28.37
C THR A 307 7.31 -11.79 27.08
N PHE A 308 6.36 -10.86 26.98
CA PHE A 308 6.22 -9.98 25.82
C PHE A 308 5.55 -8.66 26.19
N LEU A 309 5.59 -7.70 25.27
CA LEU A 309 5.04 -6.37 25.48
C LEU A 309 3.98 -6.05 24.41
N LEU A 310 2.76 -5.78 24.86
CA LEU A 310 1.65 -5.45 23.97
C LEU A 310 1.46 -3.94 23.91
N PHE A 311 1.39 -3.40 22.69
CA PHE A 311 1.00 -2.00 22.47
C PHE A 311 -0.10 -1.93 21.41
N SER A 312 -1.13 -1.12 21.68
CA SER A 312 -2.30 -1.04 20.83
C SER A 312 -2.39 0.31 20.10
N GLN A 313 -2.81 0.24 18.84
CA GLN A 313 -3.09 1.42 18.03
C GLN A 313 -4.62 1.60 18.00
N LYS A 314 -5.14 2.44 17.11
CA LYS A 314 -6.58 2.63 16.96
C LYS A 314 -7.25 1.39 16.38
N SER A 315 -6.73 0.90 15.26
CA SER A 315 -7.34 -0.22 14.51
C SER A 315 -6.65 -1.59 14.69
N ALA A 316 -5.72 -1.70 15.65
CA ALA A 316 -4.98 -2.95 15.86
C ALA A 316 -4.29 -3.02 17.22
N ILE A 317 -4.06 -4.25 17.69
CA ILE A 317 -3.26 -4.52 18.90
C ILE A 317 -2.00 -5.28 18.47
N ASN A 318 -0.84 -4.70 18.75
CA ASN A 318 0.45 -5.30 18.37
C ASN A 318 1.07 -6.09 19.52
N ARG A 319 2.13 -6.83 19.20
CA ARG A 319 2.92 -7.58 20.17
C ARG A 319 4.38 -7.54 19.74
N MET A 320 5.27 -7.25 20.68
CA MET A 320 6.72 -7.25 20.42
C MET A 320 7.50 -7.97 21.53
N VAL A 321 8.72 -8.39 21.20
CA VAL A 321 9.61 -9.09 22.12
C VAL A 321 10.93 -8.35 22.31
N ILE A 322 11.63 -8.69 23.39
CA ILE A 322 12.98 -8.20 23.66
C ILE A 322 13.96 -9.33 23.36
N ASP A 323 14.26 -9.50 22.08
CA ASP A 323 15.21 -10.51 21.60
C ASP A 323 16.54 -9.85 21.22
N GLU A 324 17.59 -10.66 21.17
CA GLU A 324 18.90 -10.22 20.69
C GLU A 324 18.86 -9.96 19.17
N GLN A 325 18.03 -10.72 18.46
CA GLN A 325 17.83 -10.55 17.01
C GLN A 325 16.71 -9.54 16.66
N GLN A 326 16.36 -8.65 17.59
CA GLN A 326 15.44 -7.52 17.34
C GLN A 326 14.18 -7.97 16.59
N SER A 327 13.61 -9.09 17.02
CA SER A 327 12.51 -9.75 16.29
C SER A 327 11.32 -8.79 16.10
N PRO A 328 10.72 -8.79 14.88
CA PRO A 328 9.86 -7.69 14.51
C PRO A 328 8.47 -7.78 15.12
N ASP A 329 7.91 -6.62 15.47
CA ASP A 329 6.57 -6.55 16.07
C ASP A 329 5.48 -6.98 15.07
N ILE A 330 4.56 -7.83 15.52
CA ILE A 330 3.48 -8.33 14.67
C ILE A 330 2.12 -7.77 15.11
N ILE A 331 1.18 -7.73 14.16
CA ILE A 331 -0.20 -7.38 14.44
C ILE A 331 -0.96 -8.67 14.75
N LEU A 332 -1.60 -8.72 15.92
CA LEU A 332 -2.36 -9.91 16.33
C LEU A 332 -3.64 -9.98 15.51
N PRO A 333 -3.93 -11.15 14.89
CA PRO A 333 -5.02 -11.20 13.91
C PRO A 333 -6.41 -11.38 14.57
N ILE A 334 -6.92 -10.29 15.16
CA ILE A 334 -8.28 -10.25 15.70
C ILE A 334 -9.16 -9.52 14.68
N HIS A 335 -10.15 -10.24 14.14
CA HIS A 335 -11.10 -9.66 13.18
C HIS A 335 -12.05 -8.63 13.81
N SER A 336 -12.33 -8.79 15.10
CA SER A 336 -13.26 -7.90 15.82
C SER A 336 -12.75 -6.47 16.08
N LEU A 337 -11.44 -6.24 15.94
CA LEU A 337 -10.85 -4.91 16.22
C LEU A 337 -11.24 -3.85 15.19
N ARG A 338 -11.91 -2.80 15.69
CA ARG A 338 -12.26 -1.62 14.89
C ARG A 338 -11.63 -0.36 15.48
N ASN A 339 -11.99 -0.04 16.73
CA ASN A 339 -11.53 1.18 17.40
C ASN A 339 -11.23 0.92 18.88
N VAL A 340 -9.99 0.54 19.18
CA VAL A 340 -9.59 0.15 20.55
C VAL A 340 -9.16 1.40 21.32
N ARG A 341 -9.46 1.44 22.62
CA ARG A 341 -9.12 2.57 23.48
C ARG A 341 -8.05 2.19 24.50
N ALA A 342 -8.28 1.10 25.23
CA ALA A 342 -7.32 0.57 26.19
C ALA A 342 -7.18 -0.95 26.00
N ILE A 343 -6.15 -1.53 26.62
CA ILE A 343 -5.92 -2.98 26.59
C ILE A 343 -5.43 -3.51 27.94
N ASP A 344 -5.66 -4.79 28.17
CA ASP A 344 -5.10 -5.51 29.32
C ASP A 344 -5.09 -7.01 29.03
N TYR A 345 -4.13 -7.72 29.64
CA TYR A 345 -3.90 -9.14 29.40
C TYR A 345 -4.11 -9.98 30.65
N ASP A 346 -4.72 -11.15 30.48
CA ASP A 346 -4.90 -12.13 31.56
C ASP A 346 -3.86 -13.24 31.36
N PRO A 347 -2.81 -13.28 32.21
CA PRO A 347 -1.74 -14.27 32.03
C PRO A 347 -2.08 -15.70 32.49
N LEU A 348 -3.17 -15.87 33.24
CA LEU A 348 -3.57 -17.20 33.74
C LEU A 348 -4.12 -18.06 32.61
N ASP A 349 -5.14 -17.54 31.93
CA ASP A 349 -5.74 -18.21 30.77
C ASP A 349 -5.08 -17.83 29.43
N LYS A 350 -4.18 -16.83 29.46
CA LYS A 350 -3.52 -16.29 28.26
C LYS A 350 -4.54 -15.76 27.23
N GLN A 351 -5.19 -14.66 27.59
CA GLN A 351 -6.20 -14.02 26.73
C GLN A 351 -6.16 -12.49 26.83
N LEU A 352 -6.46 -11.84 25.71
CA LEU A 352 -6.33 -10.39 25.54
C LEU A 352 -7.68 -9.70 25.67
N TYR A 353 -7.72 -8.62 26.46
CA TYR A 353 -8.95 -7.85 26.69
C TYR A 353 -8.73 -6.41 26.22
N TRP A 354 -9.78 -5.79 25.67
CA TRP A 354 -9.72 -4.40 25.19
C TRP A 354 -11.09 -3.71 25.22
N ILE A 355 -11.07 -2.39 25.13
CA ILE A 355 -12.28 -1.55 25.10
C ILE A 355 -12.49 -1.00 23.70
N ASP A 356 -13.60 -1.39 23.05
CA ASP A 356 -14.01 -0.80 21.78
C ASP A 356 -14.69 0.54 22.07
N SER A 357 -14.13 1.64 21.55
CA SER A 357 -14.64 2.99 21.83
C SER A 357 -15.91 3.34 21.07
N ARG A 358 -15.99 2.90 19.81
CA ARG A 358 -17.16 3.17 18.96
C ARG A 358 -18.37 2.34 19.37
N GLN A 359 -18.19 1.02 19.33
CA GLN A 359 -19.26 0.07 19.68
C GLN A 359 -19.57 0.02 21.19
N ASN A 360 -18.67 0.55 22.02
CA ASN A 360 -18.85 0.65 23.48
C ASN A 360 -19.06 -0.71 24.14
N MET A 361 -17.96 -1.47 24.21
CA MET A 361 -17.98 -2.81 24.79
C MET A 361 -16.57 -3.29 25.16
N ILE A 362 -16.49 -4.09 26.21
CA ILE A 362 -15.25 -4.75 26.62
C ILE A 362 -15.26 -6.15 26.01
N ARG A 363 -14.44 -6.35 24.98
CA ARG A 363 -14.35 -7.64 24.29
C ARG A 363 -13.16 -8.47 24.78
N LYS A 364 -13.20 -9.76 24.49
CA LYS A 364 -12.17 -10.73 24.87
C LYS A 364 -11.82 -11.61 23.67
N ALA A 365 -10.53 -11.92 23.54
CA ALA A 365 -10.04 -12.89 22.54
C ALA A 365 -8.60 -13.27 22.87
N GLN A 366 -8.22 -14.51 22.58
CA GLN A 366 -6.82 -14.93 22.72
C GLN A 366 -5.96 -14.35 21.60
N GLU A 367 -4.64 -14.46 21.76
CA GLU A 367 -3.67 -13.86 20.81
C GLU A 367 -3.77 -14.43 19.38
N ASP A 368 -4.26 -15.66 19.28
CA ASP A 368 -4.61 -16.27 17.98
C ASP A 368 -5.66 -15.42 17.24
N GLY A 369 -6.72 -15.02 17.94
CA GLY A 369 -7.85 -14.30 17.35
C GLY A 369 -9.17 -15.01 17.55
N SER A 370 -9.11 -16.34 17.64
CA SER A 370 -10.28 -17.18 17.90
C SER A 370 -10.78 -17.03 19.35
N GLN A 371 -11.89 -17.70 19.67
CA GLN A 371 -12.53 -17.63 20.99
C GLN A 371 -12.94 -16.20 21.35
N GLY A 372 -13.54 -15.50 20.39
CA GLY A 372 -14.00 -14.13 20.58
C GLY A 372 -15.25 -14.07 21.43
N PHE A 373 -15.33 -13.09 22.32
CA PHE A 373 -16.45 -12.99 23.27
C PHE A 373 -16.54 -11.59 23.88
N THR A 374 -17.73 -11.00 23.82
CA THR A 374 -18.02 -9.70 24.46
C THR A 374 -18.42 -9.95 25.91
N VAL A 375 -17.80 -9.22 26.84
CA VAL A 375 -18.05 -9.41 28.29
C VAL A 375 -18.97 -8.31 28.87
N VAL A 376 -18.86 -7.08 28.35
CA VAL A 376 -19.72 -5.96 28.74
C VAL A 376 -20.33 -5.31 27.49
N VAL A 377 -21.65 -5.08 27.51
CA VAL A 377 -22.35 -4.34 26.44
C VAL A 377 -23.49 -3.51 27.05
N SER A 378 -24.03 -2.59 26.25
CA SER A 378 -25.18 -1.78 26.65
C SER A 378 -26.47 -2.52 26.31
N GLU A 386 -27.21 3.58 29.32
CA GLU A 386 -26.09 3.44 28.40
C GLU A 386 -24.77 3.32 29.16
N ILE A 387 -23.82 2.59 28.58
CA ILE A 387 -22.49 2.39 29.16
C ILE A 387 -21.42 2.77 28.12
N GLN A 388 -20.38 3.45 28.59
CA GLN A 388 -19.30 3.96 27.74
C GLN A 388 -17.96 3.76 28.47
N PRO A 389 -17.36 2.56 28.33
CA PRO A 389 -16.10 2.26 29.04
C PRO A 389 -14.91 3.11 28.58
N TYR A 390 -14.10 3.57 29.54
CA TYR A 390 -12.95 4.45 29.28
C TYR A 390 -11.62 3.71 29.40
N ASP A 391 -11.43 3.00 30.52
CA ASP A 391 -10.19 2.26 30.78
C ASP A 391 -10.47 1.09 31.72
N LEU A 392 -9.68 0.02 31.57
CA LEU A 392 -9.86 -1.21 32.34
C LEU A 392 -8.56 -1.69 32.98
N SER A 393 -8.70 -2.45 34.07
CA SER A 393 -7.56 -3.06 34.76
C SER A 393 -7.98 -4.40 35.38
N ILE A 394 -7.31 -5.48 34.98
CA ILE A 394 -7.73 -6.84 35.35
C ILE A 394 -7.11 -7.27 36.68
N ASP A 395 -7.97 -7.63 37.63
CA ASP A 395 -7.57 -8.34 38.84
C ASP A 395 -7.41 -9.81 38.47
N ILE A 396 -6.16 -10.25 38.30
CA ILE A 396 -5.85 -11.61 37.84
C ILE A 396 -6.10 -12.69 38.91
N TYR A 397 -6.13 -12.29 40.18
CA TYR A 397 -6.28 -13.23 41.29
C TYR A 397 -7.74 -13.55 41.56
N SER A 398 -8.56 -12.50 41.67
CA SER A 398 -10.01 -12.64 41.92
C SER A 398 -10.86 -12.86 40.67
N ARG A 399 -10.22 -12.90 39.48
CA ARG A 399 -10.89 -13.15 38.20
C ARG A 399 -11.88 -12.01 37.83
N TYR A 400 -11.47 -10.77 38.08
CA TYR A 400 -12.32 -9.59 37.81
C TYR A 400 -11.63 -8.54 36.93
N ILE A 401 -12.45 -7.70 36.31
CA ILE A 401 -11.99 -6.54 35.53
C ILE A 401 -12.52 -5.29 36.23
N TYR A 402 -11.62 -4.40 36.65
CA TYR A 402 -12.00 -3.11 37.22
C TYR A 402 -11.92 -2.03 36.12
N TRP A 403 -13.08 -1.52 35.71
CA TRP A 403 -13.16 -0.58 34.59
C TRP A 403 -13.98 0.67 34.91
N THR A 404 -13.62 1.77 34.25
CA THR A 404 -14.23 3.08 34.46
C THR A 404 -15.19 3.41 33.32
N CYS A 405 -16.38 3.90 33.66
CA CYS A 405 -17.40 4.28 32.68
C CYS A 405 -17.45 5.79 32.54
N GLU A 406 -17.31 6.27 31.30
CA GLU A 406 -17.40 7.71 31.00
C GLU A 406 -18.85 8.24 31.06
N ALA A 407 -19.83 7.35 30.87
CA ALA A 407 -21.24 7.73 30.89
C ALA A 407 -21.76 8.01 32.30
N THR A 408 -21.74 6.97 33.14
CA THR A 408 -22.29 7.05 34.51
C THR A 408 -21.27 7.53 35.57
N ASN A 409 -19.99 7.64 35.19
CA ASN A 409 -18.92 8.11 36.08
C ASN A 409 -18.75 7.26 37.34
N VAL A 410 -18.38 5.99 37.13
CA VAL A 410 -18.19 5.01 38.22
C VAL A 410 -17.02 4.06 37.92
N ILE A 411 -16.46 3.48 38.98
CA ILE A 411 -15.52 2.36 38.87
C ILE A 411 -16.34 1.07 39.02
N ASN A 412 -16.75 0.52 37.89
CA ASN A 412 -17.54 -0.72 37.86
C ASN A 412 -16.61 -1.92 37.76
N VAL A 413 -16.94 -3.00 38.48
CA VAL A 413 -16.15 -4.25 38.43
C VAL A 413 -17.03 -5.40 37.90
N THR A 414 -16.44 -6.21 37.02
CA THR A 414 -17.16 -7.28 36.31
C THR A 414 -16.28 -8.52 36.21
N ARG A 415 -16.91 -9.70 36.21
CA ARG A 415 -16.18 -10.98 36.07
C ARG A 415 -15.69 -11.18 34.63
N LEU A 416 -14.69 -12.03 34.48
CA LEU A 416 -14.14 -12.36 33.15
C LEU A 416 -15.16 -13.11 32.27
N ASP A 417 -16.01 -13.93 32.88
CA ASP A 417 -17.04 -14.68 32.16
C ASP A 417 -18.20 -13.83 31.61
N GLY A 418 -18.52 -12.73 32.29
CA GLY A 418 -19.53 -11.78 31.80
C GLY A 418 -20.37 -11.11 32.89
N ARG A 419 -20.83 -11.89 33.85
CA ARG A 419 -21.74 -11.40 34.90
C ARG A 419 -21.09 -10.35 35.82
N SER A 420 -21.88 -9.36 36.22
CA SER A 420 -21.38 -8.19 36.95
C SER A 420 -21.25 -8.45 38.45
N VAL A 421 -20.21 -7.85 39.05
CA VAL A 421 -20.00 -7.87 40.50
C VAL A 421 -20.77 -6.68 41.09
N GLY A 422 -20.45 -5.48 40.61
CA GLY A 422 -21.14 -4.24 41.02
C GLY A 422 -20.28 -3.01 40.89
N VAL A 423 -20.83 -1.87 41.30
CA VAL A 423 -20.08 -0.61 41.36
C VAL A 423 -19.38 -0.52 42.72
N VAL A 424 -18.09 -0.19 42.69
CA VAL A 424 -17.30 0.01 43.93
C VAL A 424 -17.11 1.48 44.30
N LEU A 425 -17.10 2.37 43.32
CA LEU A 425 -16.92 3.81 43.54
C LEU A 425 -17.87 4.62 42.65
N LYS A 426 -18.67 5.49 43.27
CA LYS A 426 -19.54 6.43 42.55
C LYS A 426 -19.65 7.75 43.31
N GLY A 427 -19.84 8.84 42.56
CA GLY A 427 -20.05 10.16 43.13
C GLY A 427 -20.72 11.10 42.14
N GLU A 428 -21.31 12.17 42.66
CA GLU A 428 -21.96 13.19 41.82
C GLU A 428 -20.90 13.97 41.04
N GLN A 429 -19.91 14.50 41.76
CA GLN A 429 -18.82 15.28 41.18
C GLN A 429 -17.62 14.44 40.74
N ASP A 430 -17.57 13.17 41.16
CA ASP A 430 -16.44 12.29 40.84
C ASP A 430 -16.49 11.83 39.38
N ARG A 431 -15.31 11.78 38.75
CA ARG A 431 -15.16 11.31 37.36
C ARG A 431 -13.90 10.44 37.26
N PRO A 432 -14.02 9.13 37.60
CA PRO A 432 -12.90 8.21 37.45
C PRO A 432 -12.62 7.90 35.97
N ARG A 433 -11.35 7.98 35.56
CA ARG A 433 -10.97 7.82 34.16
C ARG A 433 -9.88 6.75 33.99
N ALA A 434 -8.62 7.09 34.27
CA ALA A 434 -7.53 6.09 34.25
C ALA A 434 -7.67 5.19 35.46
N ILE A 435 -7.32 3.91 35.31
CA ILE A 435 -7.49 2.91 36.37
C ILE A 435 -6.39 1.85 36.26
N VAL A 436 -5.72 1.59 37.38
CA VAL A 436 -4.77 0.48 37.51
C VAL A 436 -4.92 -0.16 38.90
N VAL A 437 -5.11 -1.48 38.93
CA VAL A 437 -5.28 -2.20 40.21
C VAL A 437 -3.94 -2.72 40.73
N ASN A 438 -3.89 -2.96 42.04
CA ASN A 438 -2.76 -3.60 42.70
C ASN A 438 -3.29 -4.61 43.73
N PRO A 439 -3.78 -5.77 43.26
CA PRO A 439 -4.35 -6.77 44.18
C PRO A 439 -3.35 -7.48 45.09
N GLU A 440 -2.05 -7.40 44.77
CA GLU A 440 -1.00 -7.96 45.65
C GLU A 440 -0.99 -7.28 47.02
N LYS A 441 -1.15 -5.96 47.02
CA LYS A 441 -1.21 -5.16 48.25
C LYS A 441 -2.65 -4.90 48.73
N GLY A 442 -3.61 -4.94 47.80
CA GLY A 442 -5.03 -4.74 48.11
C GLY A 442 -5.48 -3.29 47.95
N TYR A 443 -5.00 -2.63 46.90
CA TYR A 443 -5.38 -1.26 46.58
C TYR A 443 -5.53 -1.08 45.07
N MET A 444 -6.22 -0.01 44.68
CA MET A 444 -6.33 0.41 43.27
C MET A 444 -6.07 1.91 43.15
N TYR A 445 -5.48 2.31 42.02
CA TYR A 445 -5.07 3.69 41.78
C TYR A 445 -5.77 4.22 40.54
N PHE A 446 -6.35 5.42 40.64
CA PHE A 446 -7.15 6.00 39.56
C PHE A 446 -7.06 7.53 39.52
N THR A 447 -7.21 8.08 38.32
CA THR A 447 -7.23 9.53 38.10
C THR A 447 -8.66 10.04 38.15
N ASN A 448 -8.95 10.89 39.14
CA ASN A 448 -10.27 11.50 39.30
C ASN A 448 -10.28 12.91 38.69
N LEU A 449 -10.75 13.01 37.43
CA LEU A 449 -10.76 14.28 36.70
C LEU A 449 -12.00 15.10 37.04
N GLN A 450 -12.01 15.70 38.23
CA GLN A 450 -13.07 16.62 38.64
C GLN A 450 -12.91 17.95 37.92
N GLU A 451 -14.02 18.69 37.81
CA GLU A 451 -14.01 19.97 37.10
C GLU A 451 -13.18 21.00 37.87
N ARG A 452 -12.23 21.63 37.18
CA ARG A 452 -11.27 22.62 37.74
C ARG A 452 -10.06 22.02 38.49
N SER A 453 -10.23 20.88 39.16
CA SER A 453 -9.21 20.31 40.04
C SER A 453 -9.01 18.80 39.78
N PRO A 454 -8.13 18.46 38.81
CA PRO A 454 -7.75 17.06 38.61
C PRO A 454 -6.90 16.52 39.78
N LYS A 455 -7.01 15.22 40.04
CA LYS A 455 -6.29 14.59 41.16
C LYS A 455 -6.17 13.08 41.05
N ILE A 456 -5.05 12.55 41.53
CA ILE A 456 -4.80 11.10 41.59
C ILE A 456 -5.18 10.61 42.98
N GLU A 457 -5.87 9.48 43.05
CA GLU A 457 -6.39 8.93 44.32
C GLU A 457 -6.11 7.44 44.47
N ARG A 458 -5.94 7.00 45.71
CA ARG A 458 -5.82 5.59 46.07
C ARG A 458 -7.06 5.16 46.85
N ALA A 459 -7.43 3.89 46.70
CA ALA A 459 -8.50 3.28 47.49
C ALA A 459 -8.35 1.76 47.48
N ALA A 460 -9.02 1.10 48.43
CA ALA A 460 -9.11 -0.36 48.43
C ALA A 460 -9.99 -0.81 47.27
N LEU A 461 -9.88 -2.08 46.88
CA LEU A 461 -10.61 -2.62 45.72
C LEU A 461 -12.14 -2.69 45.89
N ASP A 462 -12.66 -2.48 47.10
CA ASP A 462 -14.11 -2.36 47.34
C ASP A 462 -14.61 -0.90 47.33
N GLY A 463 -13.69 0.06 47.28
CA GLY A 463 -14.03 1.49 47.30
C GLY A 463 -13.81 2.19 48.64
N THR A 464 -13.33 1.46 49.65
CA THR A 464 -13.07 2.02 50.98
C THR A 464 -11.62 2.48 51.11
N GLU A 465 -11.36 3.23 52.19
CA GLU A 465 -10.05 3.84 52.48
C GLU A 465 -9.59 4.76 51.34
N ARG A 466 -10.49 5.63 50.91
CA ARG A 466 -10.19 6.61 49.84
C ARG A 466 -9.32 7.74 50.38
N GLU A 467 -8.36 8.18 49.56
CA GLU A 467 -7.46 9.27 49.93
C GLU A 467 -6.81 9.89 48.69
N VAL A 468 -6.68 11.22 48.69
CA VAL A 468 -6.09 11.94 47.57
C VAL A 468 -4.57 11.96 47.75
N LEU A 469 -3.87 11.25 46.87
CA LEU A 469 -2.40 11.21 46.87
C LEU A 469 -1.81 12.53 46.38
N PHE A 470 -2.31 13.01 45.24
CA PHE A 470 -1.82 14.25 44.62
C PHE A 470 -2.98 15.07 44.06
N PHE A 471 -3.03 16.35 44.43
CA PHE A 471 -4.04 17.31 43.92
C PHE A 471 -3.46 18.58 43.27
N SER A 472 -2.14 18.77 43.34
CA SER A 472 -1.47 19.94 42.73
C SER A 472 -0.43 19.48 41.72
N GLY A 473 -0.12 20.38 40.78
CA GLY A 473 0.80 20.07 39.68
C GLY A 473 0.22 19.09 38.67
N LEU A 474 -1.09 19.16 38.46
CA LEU A 474 -1.81 18.27 37.54
C LEU A 474 -2.76 19.07 36.65
N SER A 475 -3.06 18.52 35.47
CA SER A 475 -3.93 19.17 34.48
C SER A 475 -4.74 18.14 33.69
N LYS A 476 -4.04 17.19 33.06
CA LYS A 476 -4.65 16.01 32.45
C LYS A 476 -3.91 14.74 32.89
N PRO A 477 -4.22 14.23 34.11
CA PRO A 477 -3.77 12.89 34.50
C PRO A 477 -4.42 11.83 33.59
N ILE A 478 -3.67 11.40 32.58
CA ILE A 478 -4.21 10.62 31.46
C ILE A 478 -3.96 9.11 31.54
N ALA A 479 -2.80 8.71 32.08
CA ALA A 479 -2.41 7.29 32.14
C ALA A 479 -1.70 6.98 33.46
N LEU A 480 -1.95 5.80 34.00
CA LEU A 480 -1.31 5.32 35.24
C LEU A 480 -0.62 3.99 35.03
N ALA A 481 0.38 3.72 35.86
CA ALA A 481 1.12 2.45 35.88
C ALA A 481 1.87 2.30 37.18
N LEU A 482 2.02 1.05 37.65
CA LEU A 482 2.70 0.77 38.91
C LEU A 482 3.59 -0.48 38.84
N ASP A 483 4.59 -0.50 39.72
CA ASP A 483 5.49 -1.65 39.88
C ASP A 483 5.28 -2.23 41.28
N SER A 484 4.74 -3.44 41.34
CA SER A 484 4.40 -4.09 42.61
C SER A 484 5.63 -4.54 43.41
N ARG A 485 6.71 -4.88 42.72
CA ARG A 485 7.93 -5.38 43.37
C ARG A 485 8.67 -4.27 44.11
N LEU A 486 8.99 -3.19 43.39
CA LEU A 486 9.71 -2.04 43.97
C LEU A 486 8.79 -1.05 44.70
N GLY A 487 7.48 -1.15 44.48
CA GLY A 487 6.51 -0.30 45.16
C GLY A 487 6.54 1.14 44.67
N LYS A 488 6.43 1.31 43.35
CA LYS A 488 6.45 2.62 42.70
C LYS A 488 5.18 2.84 41.87
N LEU A 489 4.68 4.08 41.90
CA LEU A 489 3.54 4.52 41.09
C LEU A 489 4.04 5.53 40.06
N PHE A 490 3.50 5.46 38.84
CA PHE A 490 3.88 6.34 37.74
C PHE A 490 2.64 6.91 37.07
N TRP A 491 2.70 8.17 36.67
CA TRP A 491 1.62 8.82 35.91
C TRP A 491 2.17 9.83 34.90
N ALA A 492 1.42 10.00 33.81
CA ALA A 492 1.80 10.91 32.73
C ALA A 492 0.76 12.02 32.57
N ASP A 493 1.23 13.23 32.25
CA ASP A 493 0.37 14.40 32.09
C ASP A 493 0.44 14.89 30.63
N SER A 494 -0.73 15.01 29.99
CA SER A 494 -0.82 15.41 28.58
C SER A 494 -0.53 16.90 28.39
N ASP A 495 -1.19 17.74 29.19
CA ASP A 495 -1.05 19.20 29.07
C ASP A 495 0.30 19.70 29.56
N LEU A 496 0.72 19.21 30.73
CA LEU A 496 2.01 19.60 31.32
C LEU A 496 3.23 18.95 30.64
N ARG A 497 3.01 17.90 29.85
CA ARG A 497 4.04 17.24 29.04
C ARG A 497 5.19 16.67 29.89
N ARG A 498 4.85 15.68 30.72
CA ARG A 498 5.84 15.05 31.60
C ARG A 498 5.39 13.68 32.12
N ILE A 499 6.36 12.92 32.65
CA ILE A 499 6.11 11.66 33.34
C ILE A 499 6.72 11.77 34.74
N GLU A 500 5.88 11.60 35.76
CA GLU A 500 6.30 11.69 37.16
C GLU A 500 6.27 10.32 37.83
N SER A 501 6.83 10.25 39.03
CA SER A 501 6.89 9.01 39.81
C SER A 501 6.87 9.27 41.32
N SER A 502 6.35 8.29 42.05
CA SER A 502 6.33 8.33 43.52
C SER A 502 6.17 6.92 44.09
N ASP A 503 6.17 6.82 45.42
CA ASP A 503 5.87 5.56 46.11
C ASP A 503 4.37 5.28 46.07
N LEU A 504 4.01 4.04 46.39
CA LEU A 504 2.59 3.63 46.50
C LEU A 504 1.84 4.36 47.62
N SER A 505 2.57 4.76 48.66
CA SER A 505 2.01 5.60 49.74
C SER A 505 1.68 7.02 49.27
N GLY A 506 2.56 7.59 48.44
CA GLY A 506 2.42 8.96 47.96
C GLY A 506 3.65 9.85 48.17
N ALA A 507 4.57 9.39 49.01
CA ALA A 507 5.81 10.12 49.29
C ALA A 507 6.82 10.00 48.15
N ASN A 508 7.81 10.90 48.16
CA ASN A 508 8.93 10.91 47.21
C ASN A 508 8.50 11.20 45.76
N ARG A 509 7.76 12.29 45.57
CA ARG A 509 7.30 12.72 44.24
C ARG A 509 8.48 13.30 43.45
N ILE A 510 8.83 12.64 42.34
CA ILE A 510 9.94 13.08 41.47
C ILE A 510 9.49 13.07 40.00
N VAL A 511 9.91 14.08 39.26
CA VAL A 511 9.66 14.18 37.82
C VAL A 511 10.76 13.40 37.10
N LEU A 512 10.39 12.34 36.39
CA LEU A 512 11.37 11.51 35.67
C LEU A 512 11.84 12.19 34.39
N GLU A 513 10.89 12.65 33.58
CA GLU A 513 11.18 13.34 32.32
C GLU A 513 10.15 14.43 32.04
N ASP A 514 10.62 15.62 31.67
CA ASP A 514 9.75 16.76 31.31
C ASP A 514 10.32 17.59 30.15
N SER A 515 10.97 16.90 29.20
CA SER A 515 11.53 17.53 28.00
C SER A 515 11.47 16.55 26.83
N ASN A 516 11.18 17.07 25.64
CA ASN A 516 10.96 16.27 24.43
C ASN A 516 9.82 15.24 24.57
N ILE A 517 8.76 15.65 25.27
CA ILE A 517 7.51 14.89 25.39
C ILE A 517 6.38 15.82 24.95
N LEU A 518 5.39 15.27 24.24
CA LEU A 518 4.28 16.06 23.69
C LEU A 518 2.91 15.58 24.17
N GLN A 519 2.63 14.28 23.99
CA GLN A 519 1.33 13.70 24.35
C GLN A 519 1.46 12.23 24.78
N PRO A 520 1.81 11.99 26.06
CA PRO A 520 1.75 10.62 26.60
C PRO A 520 0.32 10.10 26.70
N VAL A 521 0.10 8.83 26.35
CA VAL A 521 -1.22 8.19 26.43
C VAL A 521 -1.21 6.77 27.03
N GLY A 522 -0.12 6.37 27.67
CA GLY A 522 0.00 5.01 28.21
C GLY A 522 1.32 4.76 28.91
N LEU A 523 1.28 3.93 29.95
CA LEU A 523 2.47 3.57 30.74
C LEU A 523 2.44 2.08 31.11
N THR A 524 3.63 1.48 31.17
CA THR A 524 3.78 0.10 31.63
C THR A 524 5.23 -0.19 32.07
N VAL A 525 5.37 -1.05 33.07
CA VAL A 525 6.67 -1.42 33.62
C VAL A 525 7.10 -2.78 33.08
N PHE A 526 8.30 -2.83 32.50
CA PHE A 526 8.89 -4.06 31.97
C PHE A 526 10.26 -4.26 32.63
N GLU A 527 10.34 -5.24 33.53
CA GLU A 527 11.56 -5.57 34.30
C GLU A 527 12.07 -4.40 35.18
N ASN A 528 12.99 -3.59 34.65
CA ASN A 528 13.48 -2.38 35.36
C ASN A 528 13.42 -1.13 34.45
N TRP A 529 12.48 -1.14 33.50
CA TRP A 529 12.31 -0.06 32.52
C TRP A 529 10.85 0.40 32.48
N LEU A 530 10.65 1.72 32.41
CA LEU A 530 9.32 2.32 32.31
C LEU A 530 9.01 2.65 30.86
N TYR A 531 8.30 1.75 30.18
CA TYR A 531 7.89 1.95 28.78
C TYR A 531 6.69 2.91 28.73
N TRP A 532 6.71 3.82 27.75
CA TRP A 532 5.55 4.69 27.48
C TRP A 532 5.38 4.94 25.99
N ILE A 533 4.22 5.48 25.63
CA ILE A 533 3.86 5.74 24.23
C ILE A 533 3.44 7.19 24.03
N ASP A 534 3.91 7.79 22.94
CA ASP A 534 3.61 9.16 22.59
C ASP A 534 2.81 9.17 21.29
N LYS A 535 1.62 9.78 21.34
CA LYS A 535 0.68 9.75 20.21
C LYS A 535 1.15 10.63 19.04
N GLN A 536 1.50 11.88 19.35
CA GLN A 536 1.91 12.85 18.31
C GLN A 536 3.33 12.61 17.79
N GLN A 537 4.26 12.28 18.68
CA GLN A 537 5.62 11.88 18.27
C GLN A 537 5.63 10.53 17.55
N GLN A 538 4.66 9.66 17.86
CA GLN A 538 4.51 8.34 17.25
C GLN A 538 5.73 7.45 17.56
N MET A 539 6.04 7.32 18.85
CA MET A 539 7.22 6.57 19.32
C MET A 539 6.94 5.82 20.62
N ILE A 540 7.48 4.61 20.71
CA ILE A 540 7.57 3.87 21.97
C ILE A 540 8.96 4.17 22.55
N GLU A 541 8.99 4.77 23.73
CA GLU A 541 10.25 5.10 24.42
C GLU A 541 10.29 4.50 25.82
N LYS A 542 11.49 4.42 26.37
CA LYS A 542 11.71 3.86 27.71
C LYS A 542 12.84 4.57 28.45
N ILE A 543 12.76 4.55 29.77
CA ILE A 543 13.83 5.05 30.65
C ILE A 543 14.11 4.03 31.76
N ASP A 544 15.38 3.96 32.18
CA ASP A 544 15.78 3.05 33.25
C ASP A 544 15.34 3.64 34.58
N MET A 545 14.60 2.87 35.35
CA MET A 545 14.05 3.33 36.64
C MET A 545 15.14 3.45 37.70
N THR A 546 16.15 2.57 37.64
CA THR A 546 17.32 2.62 38.51
C THR A 546 18.22 3.82 38.20
N GLY A 547 18.30 4.18 36.91
CA GLY A 547 19.11 5.32 36.45
C GLY A 547 20.53 4.96 36.04
N ARG A 548 20.75 3.72 35.63
CA ARG A 548 22.05 3.28 35.12
C ARG A 548 22.20 3.75 33.67
N GLU A 549 21.25 3.34 32.84
CA GLU A 549 21.26 3.59 31.40
C GLU A 549 20.27 4.67 31.02
N GLY A 550 20.54 5.36 29.91
CA GLY A 550 19.76 6.53 29.50
C GLY A 550 18.42 6.25 28.86
N ARG A 551 17.79 7.32 28.36
CA ARG A 551 16.50 7.25 27.67
C ARG A 551 16.70 6.63 26.28
N THR A 552 15.89 5.62 25.96
CA THR A 552 16.04 4.84 24.73
C THR A 552 14.74 4.81 23.93
N LYS A 553 14.85 5.00 22.61
CA LYS A 553 13.71 4.91 21.69
C LYS A 553 13.62 3.48 21.16
N VAL A 554 12.47 2.85 21.39
CA VAL A 554 12.26 1.43 21.06
C VAL A 554 11.83 1.30 19.59
N GLN A 555 10.73 1.96 19.25
CA GLN A 555 10.21 2.00 17.88
C GLN A 555 9.70 3.40 17.53
N ALA A 556 9.48 3.64 16.24
CA ALA A 556 9.00 4.93 15.74
C ALA A 556 7.99 4.75 14.61
N ARG A 557 7.38 5.88 14.21
CA ARG A 557 6.42 5.94 13.10
C ARG A 557 5.13 5.12 13.33
N ILE A 558 4.73 4.97 14.60
CA ILE A 558 3.52 4.21 14.95
C ILE A 558 2.36 5.18 15.14
N ALA A 559 1.49 5.26 14.13
CA ALA A 559 0.38 6.22 14.13
C ALA A 559 -0.78 5.77 15.01
N GLN A 560 -1.43 6.74 15.66
CA GLN A 560 -2.63 6.53 16.48
C GLN A 560 -2.41 5.57 17.66
N LEU A 561 -1.33 5.79 18.41
CA LEU A 561 -1.05 5.00 19.62
C LEU A 561 -2.08 5.29 20.70
N SER A 562 -2.60 4.22 21.31
CA SER A 562 -3.70 4.31 22.28
C SER A 562 -3.27 3.88 23.69
N ASP A 563 -2.77 2.65 23.82
CA ASP A 563 -2.41 2.07 25.12
C ASP A 563 -1.28 1.05 24.99
N ILE A 564 -0.49 0.90 26.05
CA ILE A 564 0.66 -0.01 26.09
C ILE A 564 0.64 -0.81 27.41
N HIS A 565 1.05 -2.09 27.33
CA HIS A 565 0.91 -3.04 28.44
C HIS A 565 1.95 -4.16 28.37
N ALA A 566 2.71 -4.34 29.45
CA ALA A 566 3.71 -5.42 29.56
C ALA A 566 3.09 -6.68 30.14
N VAL A 567 3.56 -7.84 29.66
CA VAL A 567 3.09 -9.15 30.13
C VAL A 567 4.29 -10.01 30.55
N LYS A 568 4.37 -10.29 31.86
CA LYS A 568 5.36 -11.22 32.40
C LYS A 568 4.73 -12.62 32.50
N GLU A 569 5.57 -13.65 32.47
CA GLU A 569 5.10 -15.03 32.63
C GLU A 569 4.61 -15.25 34.06
N LEU A 570 3.46 -15.92 34.19
CA LEU A 570 2.80 -16.06 35.49
C LEU A 570 3.45 -17.18 36.29
N ASN A 571 4.03 -16.82 37.44
CA ASN A 571 4.61 -17.80 38.36
C ASN A 571 3.48 -18.46 39.15
N LEU A 572 3.09 -19.66 38.73
CA LEU A 572 1.92 -20.37 39.29
C LEU A 572 2.04 -20.69 40.78
N GLN A 573 3.26 -20.99 41.24
CA GLN A 573 3.50 -21.28 42.66
C GLN A 573 3.38 -19.99 43.49
N GLU A 574 4.03 -18.93 43.04
CA GLU A 574 3.95 -17.61 43.70
C GLU A 574 2.58 -16.94 43.55
N TYR A 575 1.85 -17.31 42.50
CA TYR A 575 0.46 -16.86 42.29
C TYR A 575 -0.49 -17.41 43.36
N ARG A 576 -0.36 -18.70 43.65
CA ARG A 576 -1.20 -19.37 44.66
C ARG A 576 -0.86 -19.00 46.11
N GLN A 577 0.29 -18.38 46.34
CA GLN A 577 0.61 -17.75 47.63
C GLN A 577 -0.27 -16.53 47.94
N HIS A 578 -0.86 -15.92 46.91
CA HIS A 578 -1.87 -14.87 47.10
C HIS A 578 -3.17 -15.53 47.58
N PRO A 579 -3.75 -15.03 48.71
CA PRO A 579 -4.88 -15.76 49.30
C PRO A 579 -6.22 -15.66 48.53
N CYS A 580 -6.35 -14.68 47.63
CA CYS A 580 -7.52 -14.59 46.74
C CYS A 580 -7.39 -15.40 45.43
N ALA A 581 -6.25 -16.07 45.24
CA ALA A 581 -6.00 -16.87 44.02
C ALA A 581 -6.89 -18.10 43.95
N GLN A 582 -6.96 -18.85 45.04
CA GLN A 582 -7.77 -20.07 45.12
C GLN A 582 -9.14 -19.78 45.74
N ASP A 583 -10.20 -20.16 45.03
CA ASP A 583 -11.60 -20.02 45.49
C ASP A 583 -12.06 -18.57 45.78
N ASN A 584 -11.35 -17.58 45.23
CA ASN A 584 -11.60 -16.16 45.50
C ASN A 584 -11.58 -15.78 47.00
N GLY A 585 -10.73 -16.48 47.77
CA GLY A 585 -10.66 -16.30 49.22
C GLY A 585 -11.93 -16.67 49.97
N GLY A 586 -12.73 -17.57 49.40
CA GLY A 586 -14.04 -17.94 49.95
C GLY A 586 -15.15 -16.89 49.81
N CYS A 587 -14.87 -15.78 49.12
CA CYS A 587 -15.79 -14.65 49.06
C CYS A 587 -16.72 -14.77 47.86
N SER A 588 -17.91 -14.16 47.97
CA SER A 588 -18.87 -14.12 46.87
C SER A 588 -18.46 -13.07 45.83
N HIS A 589 -18.19 -11.86 46.31
CA HIS A 589 -17.81 -10.73 45.46
C HIS A 589 -16.31 -10.37 45.65
N ILE A 590 -15.99 -9.22 46.26
CA ILE A 590 -14.61 -8.72 46.31
C ILE A 590 -13.80 -9.47 47.39
N CYS A 591 -12.54 -9.76 47.07
CA CYS A 591 -11.57 -10.32 48.02
C CYS A 591 -10.45 -9.30 48.25
N LEU A 592 -10.50 -8.65 49.41
CA LEU A 592 -9.49 -7.64 49.79
C LEU A 592 -8.31 -8.26 50.54
N VAL A 593 -7.17 -7.59 50.48
CA VAL A 593 -5.97 -7.96 51.22
C VAL A 593 -5.69 -6.90 52.29
N LYS A 594 -5.61 -7.33 53.55
CA LYS A 594 -5.27 -6.44 54.67
C LYS A 594 -3.79 -6.03 54.63
N GLY A 595 -3.43 -5.09 55.51
CA GLY A 595 -2.04 -4.67 55.68
C GLY A 595 -1.11 -5.76 56.21
N ASP A 596 -1.67 -6.73 56.94
CA ASP A 596 -0.90 -7.86 57.50
C ASP A 596 -0.96 -9.16 56.66
N GLY A 597 -1.31 -9.05 55.38
CA GLY A 597 -1.34 -10.21 54.47
C GLY A 597 -2.49 -11.19 54.68
N THR A 598 -3.55 -10.76 55.36
CA THR A 598 -4.75 -11.57 55.58
C THR A 598 -5.86 -11.04 54.68
N THR A 599 -6.82 -11.89 54.32
CA THR A 599 -7.90 -11.48 53.40
C THR A 599 -9.26 -11.28 54.08
N ARG A 600 -9.94 -10.21 53.68
CA ARG A 600 -11.33 -9.94 54.02
C ARG A 600 -12.21 -10.39 52.86
N CYS A 601 -13.53 -10.26 53.02
CA CYS A 601 -14.48 -10.34 51.93
C CYS A 601 -15.36 -9.10 51.98
N SER A 602 -15.39 -8.34 50.88
CA SER A 602 -16.18 -7.12 50.77
C SER A 602 -17.13 -7.17 49.58
N CYS A 603 -18.00 -6.17 49.51
CA CYS A 603 -19.09 -6.12 48.53
C CYS A 603 -19.09 -4.77 47.80
N PRO A 604 -19.86 -4.65 46.69
CA PRO A 604 -20.02 -3.35 46.01
C PRO A 604 -20.87 -2.35 46.81
N MET A 605 -21.17 -1.19 46.20
CA MET A 605 -22.04 -0.17 46.80
C MET A 605 -23.39 -0.74 47.26
N HIS A 606 -24.09 -1.37 46.33
CA HIS A 606 -25.47 -1.83 46.55
C HIS A 606 -25.63 -3.07 47.45
N LEU A 607 -24.53 -3.72 47.83
CA LEU A 607 -24.56 -4.88 48.75
C LEU A 607 -23.84 -4.60 50.06
N VAL A 608 -24.11 -5.47 51.03
CA VAL A 608 -23.56 -5.39 52.39
C VAL A 608 -23.08 -6.77 52.83
N LEU A 609 -21.98 -6.82 53.58
CA LEU A 609 -21.40 -8.09 54.05
C LEU A 609 -22.28 -8.71 55.14
N LEU A 610 -22.61 -9.99 54.97
CA LEU A 610 -23.51 -10.71 55.87
C LEU A 610 -22.75 -11.32 57.04
N GLN A 611 -23.48 -12.00 57.94
CA GLN A 611 -22.89 -12.64 59.12
C GLN A 611 -21.98 -13.85 58.83
N ASP A 612 -22.05 -14.39 57.62
CA ASP A 612 -21.06 -15.35 57.12
C ASP A 612 -19.65 -14.73 56.99
N GLU A 613 -19.61 -13.43 56.71
CA GLU A 613 -18.37 -12.70 56.36
C GLU A 613 -17.75 -13.23 55.07
N LEU A 614 -18.62 -13.64 54.15
CA LEU A 614 -18.25 -14.20 52.85
C LEU A 614 -19.24 -13.74 51.77
N SER A 615 -20.53 -14.08 51.96
CA SER A 615 -21.59 -13.69 51.04
C SER A 615 -22.00 -12.22 51.21
N CYS A 616 -22.67 -11.69 50.18
CA CYS A 616 -23.11 -10.30 50.15
C CYS A 616 -24.61 -10.20 49.83
N GLY A 617 -25.36 -9.50 50.68
CA GLY A 617 -26.80 -9.28 50.49
C GLY A 617 -27.15 -7.80 50.57
N GLU A 618 -28.36 -7.47 50.13
CA GLU A 618 -28.80 -6.06 50.04
C GLU A 618 -29.21 -5.51 51.41
N PRO A 619 -29.17 -4.17 51.58
CA PRO A 619 -29.63 -3.58 52.86
C PRO A 619 -31.15 -3.57 52.98
N PRO B 1 -0.96 27.24 -34.30
CA PRO B 1 -0.61 26.03 -33.56
C PRO B 1 -0.35 24.83 -34.47
N GLU B 2 0.78 24.15 -34.23
CA GLU B 2 1.19 23.00 -35.05
C GLU B 2 0.70 21.64 -34.52
N CYS B 3 0.05 21.63 -33.36
CA CYS B 3 -0.52 20.41 -32.77
C CYS B 3 -1.97 20.63 -32.35
N PHE B 4 -2.81 19.64 -32.64
CA PHE B 4 -4.20 19.59 -32.15
C PHE B 4 -4.49 18.23 -31.49
N THR B 5 -3.44 17.58 -30.98
CA THR B 5 -3.54 16.34 -30.21
C THR B 5 -2.86 16.56 -28.86
N ALA B 6 -3.19 15.69 -27.91
CA ALA B 6 -2.62 15.77 -26.55
C ALA B 6 -1.14 15.41 -26.48
N ASN B 7 -0.65 14.65 -27.46
CA ASN B 7 0.73 14.15 -27.46
C ASN B 7 1.57 14.49 -28.71
N GLY B 8 1.07 15.42 -29.54
CA GLY B 8 1.78 15.82 -30.75
C GLY B 8 2.03 14.71 -31.77
N ALA B 9 1.06 13.82 -31.92
CA ALA B 9 1.12 12.74 -32.92
C ALA B 9 0.97 13.29 -34.35
N ASP B 10 0.24 14.40 -34.48
CA ASP B 10 0.07 15.09 -35.77
C ASP B 10 1.09 16.19 -36.06
N TYR B 11 2.16 16.28 -35.25
CA TYR B 11 3.20 17.30 -35.43
C TYR B 11 4.04 17.03 -36.67
N ARG B 12 4.04 17.97 -37.61
CA ARG B 12 4.85 17.89 -38.83
C ARG B 12 5.65 19.19 -39.03
N GLY B 13 6.17 19.74 -37.93
CA GLY B 13 6.91 21.00 -37.94
C GLY B 13 8.38 20.84 -38.29
N THR B 14 9.13 21.93 -38.13
CA THR B 14 10.55 21.99 -38.53
C THR B 14 11.55 22.13 -37.37
N GLN B 15 11.12 21.89 -36.14
CA GLN B 15 12.02 21.95 -34.98
C GLN B 15 12.87 20.67 -34.90
N ASN B 16 14.18 20.83 -35.10
CA ASN B 16 15.15 19.72 -35.04
C ASN B 16 16.09 19.84 -33.81
N TRP B 17 15.52 20.29 -32.69
CA TRP B 17 16.22 20.39 -31.42
C TRP B 17 15.31 19.91 -30.29
N THR B 18 15.91 19.30 -29.27
CA THR B 18 15.18 18.86 -28.08
C THR B 18 14.69 20.05 -27.25
N ALA B 19 15.38 21.19 -27.38
CA ALA B 19 14.94 22.45 -26.79
C ALA B 19 15.61 23.61 -27.54
N LEU B 20 14.89 24.72 -27.68
CA LEU B 20 15.40 25.90 -28.38
C LEU B 20 16.53 26.61 -27.60
N GLN B 21 16.56 26.43 -26.27
CA GLN B 21 17.67 26.87 -25.42
C GLN B 21 18.26 25.69 -24.66
N GLY B 22 19.57 25.47 -24.82
CA GLY B 22 20.29 24.42 -24.10
C GLY B 22 19.90 22.99 -24.48
N GLY B 23 19.42 22.80 -25.71
CA GLY B 23 18.99 21.48 -26.20
C GLY B 23 20.07 20.76 -26.97
N LYS B 24 19.72 19.58 -27.47
CA LYS B 24 20.64 18.73 -28.24
C LYS B 24 20.10 18.51 -29.65
N PRO B 25 21.00 18.47 -30.67
CA PRO B 25 20.54 18.34 -32.05
C PRO B 25 20.06 16.93 -32.37
N CYS B 26 18.91 16.83 -33.03
CA CYS B 26 18.28 15.55 -33.34
C CYS B 26 18.99 14.83 -34.47
N LEU B 27 18.93 13.49 -34.43
CA LEU B 27 19.45 12.64 -35.52
C LEU B 27 18.38 12.53 -36.62
N PHE B 28 18.84 12.21 -37.83
CA PHE B 28 17.95 12.08 -38.98
C PHE B 28 17.24 10.73 -38.97
N TRP B 29 15.97 10.73 -39.34
CA TRP B 29 15.15 9.50 -39.36
C TRP B 29 15.56 8.58 -40.51
N ASN B 30 16.20 9.14 -41.56
CA ASN B 30 16.77 8.33 -42.64
C ASN B 30 18.23 7.86 -42.40
N GLU B 31 18.69 7.92 -41.15
CA GLU B 31 19.95 7.25 -40.75
C GLU B 31 19.93 6.74 -39.28
N THR B 32 18.76 6.33 -38.81
CA THR B 32 18.59 5.75 -37.47
C THR B 32 18.17 4.28 -37.60
N PHE B 33 19.01 3.51 -38.31
CA PHE B 33 18.73 2.10 -38.61
C PHE B 33 19.12 1.15 -37.48
N GLN B 34 19.89 1.66 -36.51
CA GLN B 34 20.12 0.97 -35.23
C GLN B 34 18.79 0.81 -34.49
N HIS B 35 17.99 1.88 -34.52
CA HIS B 35 16.77 1.98 -33.72
C HIS B 35 15.55 1.40 -34.46
N PRO B 36 14.41 1.25 -33.76
CA PRO B 36 13.19 0.76 -34.43
C PRO B 36 12.65 1.69 -35.53
N TYR B 37 12.54 2.98 -35.22
CA TYR B 37 11.88 3.94 -36.12
C TYR B 37 12.85 4.62 -37.10
N ASN B 38 12.62 4.38 -38.39
CA ASN B 38 13.38 5.01 -39.47
C ASN B 38 12.61 4.95 -40.79
N THR B 39 13.15 5.58 -41.83
CA THR B 39 12.49 5.65 -43.14
C THR B 39 12.39 4.30 -43.88
N LEU B 40 13.31 3.38 -43.59
CA LEU B 40 13.27 2.04 -44.21
C LEU B 40 12.14 1.16 -43.65
N LYS B 41 11.90 1.24 -42.34
CA LYS B 41 10.75 0.52 -41.75
C LYS B 41 9.42 1.15 -42.19
N TYR B 42 9.39 2.47 -42.33
CA TYR B 42 8.17 3.21 -42.69
C TYR B 42 8.35 4.02 -43.98
N PRO B 43 8.20 3.35 -45.14
CA PRO B 43 8.08 4.09 -46.41
C PRO B 43 6.69 4.71 -46.56
N ASN B 44 6.51 5.53 -47.60
CA ASN B 44 5.29 6.32 -47.83
C ASN B 44 5.00 7.38 -46.76
N GLY B 45 6.03 7.79 -46.01
CA GLY B 45 5.91 8.81 -44.97
C GLY B 45 4.91 8.54 -43.87
N GLU B 46 4.90 7.31 -43.34
CA GLU B 46 3.98 6.92 -42.27
C GLU B 46 4.47 7.44 -40.92
N GLY B 47 3.60 8.12 -40.19
CA GLY B 47 3.94 8.75 -38.92
C GLY B 47 4.83 9.98 -39.03
N GLY B 48 4.81 10.62 -40.19
CA GLY B 48 5.60 11.83 -40.42
C GLY B 48 7.11 11.67 -40.52
N LEU B 49 7.59 10.44 -40.73
CA LEU B 49 9.03 10.18 -40.86
C LEU B 49 9.48 10.40 -42.31
N GLY B 50 10.69 10.94 -42.47
CA GLY B 50 11.25 11.20 -43.80
C GLY B 50 12.72 11.57 -43.75
N GLU B 51 13.20 12.20 -44.82
CA GLU B 51 14.59 12.67 -44.90
C GLU B 51 14.74 14.01 -44.17
N HIS B 52 14.74 13.93 -42.85
CA HIS B 52 14.87 15.10 -41.97
C HIS B 52 15.21 14.68 -40.55
N ASN B 53 15.54 15.66 -39.70
CA ASN B 53 15.77 15.44 -38.26
C ASN B 53 14.81 16.24 -37.37
N TYR B 54 13.63 16.54 -37.89
CA TYR B 54 12.60 17.23 -37.11
C TYR B 54 11.98 16.28 -36.10
N CYS B 55 11.54 16.82 -34.97
CA CYS B 55 10.92 16.02 -33.90
C CYS B 55 9.60 15.43 -34.36
N ARG B 56 9.33 14.17 -33.97
CA ARG B 56 8.11 13.46 -34.36
C ARG B 56 7.59 12.60 -33.20
N ASN B 57 6.40 12.03 -33.38
CA ASN B 57 5.83 11.08 -32.42
C ASN B 57 5.14 9.90 -33.14
N PRO B 58 5.93 9.01 -33.77
CA PRO B 58 5.37 7.83 -34.44
C PRO B 58 4.91 6.73 -33.50
N ASP B 59 5.61 6.52 -32.37
CA ASP B 59 5.32 5.41 -31.46
C ASP B 59 4.07 5.57 -30.57
N GLY B 60 3.50 6.78 -30.51
CA GLY B 60 2.30 7.03 -29.72
C GLY B 60 2.60 7.16 -28.23
N ASP B 61 3.61 7.96 -27.90
CA ASP B 61 3.97 8.26 -26.51
C ASP B 61 3.31 9.60 -26.13
N VAL B 62 3.75 10.23 -25.03
CA VAL B 62 3.08 11.43 -24.50
C VAL B 62 3.48 12.79 -25.13
N SER B 63 4.50 12.82 -25.98
CA SER B 63 5.02 14.08 -26.54
C SER B 63 5.93 13.82 -27.75
N PRO B 64 6.12 14.82 -28.64
CA PRO B 64 7.12 14.66 -29.71
C PRO B 64 8.55 14.52 -29.20
N TRP B 65 9.39 13.86 -29.99
CA TRP B 65 10.73 13.45 -29.56
C TRP B 65 11.66 13.24 -30.77
N CYS B 66 12.92 12.95 -30.48
CA CYS B 66 13.90 12.59 -31.51
C CYS B 66 15.08 11.84 -30.91
N TYR B 67 15.77 11.06 -31.74
CA TYR B 67 17.00 10.38 -31.34
C TYR B 67 18.14 11.41 -31.29
N VAL B 68 19.10 11.18 -30.41
CA VAL B 68 20.26 12.08 -30.22
C VAL B 68 21.55 11.28 -30.11
N GLY B 74 23.52 6.47 -21.03
CA GLY B 74 22.99 5.85 -22.25
C GLY B 74 21.75 6.51 -22.78
N VAL B 75 21.80 7.84 -22.90
CA VAL B 75 20.68 8.64 -23.40
C VAL B 75 20.80 8.74 -24.93
N TYR B 76 19.99 7.96 -25.64
CA TYR B 76 19.94 8.00 -27.11
C TYR B 76 18.66 8.64 -27.67
N TRP B 77 17.87 9.27 -26.80
CA TRP B 77 16.67 10.00 -27.21
C TRP B 77 16.32 11.08 -26.17
N LYS B 78 15.53 12.06 -26.58
CA LYS B 78 14.99 13.09 -25.67
C LYS B 78 13.65 13.64 -26.16
N TYR B 79 12.79 14.04 -25.22
CA TYR B 79 11.53 14.73 -25.55
C TYR B 79 11.84 16.13 -26.07
N CYS B 80 11.04 16.58 -27.05
CA CYS B 80 11.24 17.88 -27.69
C CYS B 80 10.34 18.94 -27.08
N GLU B 81 10.95 19.96 -26.47
CA GLU B 81 10.23 21.12 -25.94
C GLU B 81 9.91 22.07 -27.10
N ILE B 82 8.73 21.86 -27.69
CA ILE B 82 8.27 22.62 -28.85
C ILE B 82 7.24 23.65 -28.36
N PRO B 83 7.51 24.97 -28.52
CA PRO B 83 6.53 25.99 -28.09
C PRO B 83 5.22 25.98 -28.88
N ALA B 84 5.30 25.81 -30.19
CA ALA B 84 4.13 25.79 -31.06
C ALA B 84 3.22 24.57 -30.83
N CYS B 85 3.82 23.42 -30.52
CA CYS B 85 3.05 22.20 -30.26
C CYS B 85 2.39 22.25 -28.88
N GLN B 86 1.19 22.82 -28.85
CA GLN B 86 0.38 22.90 -27.65
C GLN B 86 -1.06 23.04 -28.10
N MET B 87 -1.84 21.97 -27.96
CA MET B 87 -3.22 21.93 -28.50
C MET B 87 -4.09 23.05 -27.91
N PRO B 88 -4.85 23.77 -28.77
CA PRO B 88 -5.80 24.76 -28.27
C PRO B 88 -6.79 24.18 -27.27
N GLY B 89 -6.81 24.74 -26.05
CA GLY B 89 -7.50 24.14 -24.91
C GLY B 89 -6.51 23.76 -23.83
N ASN B 90 -5.40 23.11 -24.22
CA ASN B 90 -4.29 22.84 -23.31
C ASN B 90 -3.62 24.16 -22.93
N LEU B 91 -3.98 24.68 -21.77
CA LEU B 91 -3.57 26.03 -21.33
C LEU B 91 -2.08 26.11 -20.95
N GLY B 92 -1.49 24.97 -20.55
CA GLY B 92 -0.04 24.88 -20.35
C GLY B 92 0.37 23.99 -19.18
N CYS B 93 1.68 23.76 -19.08
CA CYS B 93 2.29 23.04 -17.97
C CYS B 93 2.71 24.07 -16.92
N TYR B 94 2.19 23.93 -15.70
CA TYR B 94 2.43 24.88 -14.60
C TYR B 94 2.91 24.17 -13.34
N LYS B 95 3.59 24.93 -12.48
CA LYS B 95 4.16 24.38 -11.23
C LYS B 95 3.11 24.27 -10.13
N ASP B 96 3.35 23.34 -9.20
CA ASP B 96 2.51 23.16 -8.01
C ASP B 96 3.43 22.99 -6.80
N HIS B 97 3.49 24.03 -5.95
CA HIS B 97 4.30 24.01 -4.73
C HIS B 97 3.52 23.58 -3.47
N GLY B 98 2.25 23.22 -3.63
CA GLY B 98 1.49 22.51 -2.59
C GLY B 98 0.24 23.20 -2.09
N ASN B 99 0.43 24.13 -1.15
CA ASN B 99 -0.67 24.72 -0.37
C ASN B 99 -0.72 26.26 -0.50
N PRO B 100 -1.75 26.83 -1.12
CA PRO B 100 -2.82 26.11 -1.83
C PRO B 100 -2.37 25.64 -3.21
N PRO B 101 -3.11 24.70 -3.83
CA PRO B 101 -2.77 24.30 -5.20
C PRO B 101 -3.18 25.36 -6.24
N PRO B 102 -2.73 25.21 -7.51
CA PRO B 102 -3.12 26.12 -8.60
C PRO B 102 -4.63 26.21 -8.80
N LEU B 103 -5.29 25.07 -8.86
CA LEU B 103 -6.75 24.99 -8.94
C LEU B 103 -7.30 24.52 -7.59
N THR B 104 -8.14 25.34 -6.97
CA THR B 104 -8.58 25.13 -5.58
C THR B 104 -10.01 24.57 -5.43
N GLY B 105 -10.73 24.40 -6.54
CA GLY B 105 -12.13 23.96 -6.51
C GLY B 105 -12.35 22.62 -5.83
N THR B 106 -11.99 21.54 -6.51
CA THR B 106 -12.04 20.19 -5.93
C THR B 106 -10.99 19.29 -6.57
N SER B 107 -10.87 18.07 -6.05
CA SER B 107 -9.87 17.12 -6.53
C SER B 107 -10.25 15.66 -6.24
N LYS B 108 -9.81 14.76 -7.12
CA LYS B 108 -9.95 13.32 -6.92
C LYS B 108 -8.70 12.59 -7.43
N THR B 109 -8.62 11.31 -7.09
CA THR B 109 -7.57 10.41 -7.58
C THR B 109 -8.22 9.21 -8.27
N SER B 110 -7.64 8.76 -9.38
CA SER B 110 -8.18 7.66 -10.16
C SER B 110 -7.06 6.84 -10.77
N ASN B 111 -7.17 5.51 -10.66
CA ASN B 111 -6.20 4.58 -11.26
C ASN B 111 -6.43 4.39 -12.77
N LYS B 112 -7.56 4.90 -13.29
CA LYS B 112 -7.89 4.84 -14.72
C LYS B 112 -7.90 6.26 -15.33
N LEU B 113 -7.15 7.19 -14.75
CA LEU B 113 -7.25 8.61 -15.12
C LEU B 113 -6.75 8.87 -16.54
N THR B 114 -7.48 9.71 -17.27
CA THR B 114 -7.06 10.25 -18.56
C THR B 114 -7.19 11.78 -18.50
N ILE B 115 -6.85 12.46 -19.59
CA ILE B 115 -7.07 13.90 -19.68
C ILE B 115 -8.57 14.21 -19.68
N GLN B 116 -9.34 13.42 -20.43
CA GLN B 116 -10.79 13.62 -20.54
C GLN B 116 -11.55 13.28 -19.25
N THR B 117 -11.20 12.18 -18.60
CA THR B 117 -11.88 11.75 -17.37
C THR B 117 -11.73 12.76 -16.23
N CYS B 118 -10.58 13.45 -16.18
CA CYS B 118 -10.38 14.58 -15.27
C CYS B 118 -11.20 15.80 -15.71
N ILE B 119 -11.19 16.09 -17.02
CA ILE B 119 -11.99 17.18 -17.60
C ILE B 119 -13.50 16.96 -17.38
N SER B 120 -13.97 15.74 -17.62
CA SER B 120 -15.38 15.40 -17.45
C SER B 120 -15.83 15.48 -15.98
N PHE B 121 -14.92 15.15 -15.06
CA PHE B 121 -15.16 15.32 -13.62
C PHE B 121 -15.30 16.80 -13.24
N CYS B 122 -14.37 17.63 -13.71
CA CYS B 122 -14.39 19.08 -13.42
C CYS B 122 -15.53 19.81 -14.11
N ARG B 123 -15.86 19.39 -15.33
CA ARG B 123 -17.03 19.92 -16.06
C ARG B 123 -18.35 19.56 -15.36
N SER B 124 -18.41 18.35 -14.82
CA SER B 124 -19.59 17.88 -14.07
C SER B 124 -19.85 18.66 -12.77
N GLN B 125 -18.78 19.13 -12.14
CA GLN B 125 -18.87 19.97 -10.93
C GLN B 125 -18.96 21.48 -11.23
N ARG B 126 -19.10 21.85 -12.51
CA ARG B 126 -19.11 23.24 -12.98
C ARG B 126 -17.86 24.02 -12.58
N PHE B 127 -16.73 23.56 -13.12
CA PHE B 127 -15.46 24.29 -13.08
C PHE B 127 -14.94 24.46 -14.49
N LYS B 128 -14.40 25.65 -14.79
CA LYS B 128 -13.95 25.98 -16.15
C LYS B 128 -12.62 25.30 -16.51
N PHE B 129 -11.76 25.07 -15.51
CA PHE B 129 -10.42 24.50 -15.73
C PHE B 129 -10.29 23.13 -15.07
N ALA B 130 -9.51 22.25 -15.72
CA ALA B 130 -9.21 20.91 -15.22
C ALA B 130 -7.71 20.66 -15.35
N GLY B 131 -7.09 20.14 -14.28
CA GLY B 131 -5.64 19.95 -14.24
C GLY B 131 -5.23 18.57 -13.73
N MET B 132 -4.34 17.91 -14.48
CA MET B 132 -3.86 16.56 -14.14
C MET B 132 -2.44 16.63 -13.58
N GLU B 133 -2.19 15.85 -12.52
CA GLU B 133 -0.88 15.80 -11.85
C GLU B 133 -0.45 14.36 -11.58
N SER B 134 0.84 14.10 -11.76
CA SER B 134 1.47 12.81 -11.42
C SER B 134 0.93 11.56 -12.16
N GLY B 135 0.16 11.77 -13.23
CA GLY B 135 -0.51 10.68 -13.94
C GLY B 135 -1.92 10.34 -13.46
N TYR B 136 -2.19 10.52 -12.17
CA TYR B 136 -3.44 10.03 -11.53
C TYR B 136 -4.27 11.07 -10.75
N ALA B 137 -3.68 12.20 -10.38
CA ALA B 137 -4.35 13.20 -9.53
C ALA B 137 -5.01 14.29 -10.36
N CYS B 138 -6.34 14.41 -10.25
CA CYS B 138 -7.11 15.44 -10.96
C CYS B 138 -7.41 16.62 -10.04
N PHE B 139 -7.43 17.82 -10.61
CA PHE B 139 -7.74 19.07 -9.88
C PHE B 139 -8.66 19.96 -10.71
N CYS B 140 -9.63 20.58 -10.05
CA CYS B 140 -10.64 21.43 -10.70
C CYS B 140 -10.67 22.81 -10.06
N GLY B 141 -11.09 23.81 -10.84
CA GLY B 141 -11.23 25.17 -10.33
C GLY B 141 -11.67 26.20 -11.35
N ASN B 142 -12.19 27.32 -10.85
CA ASN B 142 -12.47 28.52 -11.64
C ASN B 142 -11.45 29.63 -11.35
N ASN B 143 -10.21 29.23 -11.05
CA ASN B 143 -9.19 30.17 -10.62
C ASN B 143 -8.52 30.81 -11.84
N PRO B 144 -8.50 32.16 -11.92
CA PRO B 144 -7.76 32.80 -13.00
C PRO B 144 -6.22 32.74 -12.84
N ASP B 145 -5.76 32.53 -11.60
CA ASP B 145 -4.32 32.46 -11.30
C ASP B 145 -3.83 31.02 -11.03
N TYR B 146 -4.11 30.13 -11.98
CA TYR B 146 -3.46 28.81 -12.04
C TYR B 146 -1.96 28.90 -12.36
N TRP B 147 -1.57 30.00 -13.00
CA TRP B 147 -0.16 30.36 -13.25
C TRP B 147 0.61 30.94 -12.05
N LYS B 148 -0.02 31.01 -10.86
CA LYS B 148 0.57 31.64 -9.66
C LYS B 148 2.00 31.21 -9.32
N TYR B 149 2.29 29.92 -9.43
CA TYR B 149 3.62 29.37 -9.12
C TYR B 149 4.61 29.42 -10.30
N GLY B 150 4.11 29.69 -11.50
CA GLY B 150 4.95 29.89 -12.68
C GLY B 150 4.79 28.79 -13.71
N GLU B 151 5.01 29.13 -14.98
CA GLU B 151 4.90 28.17 -16.07
C GLU B 151 6.17 27.32 -16.17
N ALA B 152 5.97 26.01 -16.32
CA ALA B 152 7.06 25.06 -16.50
C ALA B 152 7.09 24.57 -17.94
N ALA B 153 8.21 23.98 -18.35
CA ALA B 153 8.37 23.41 -19.69
C ALA B 153 7.41 22.24 -19.87
N SER B 154 6.81 22.13 -21.06
CA SER B 154 5.85 21.05 -21.37
C SER B 154 6.42 19.64 -21.21
N THR B 155 7.74 19.50 -21.34
CA THR B 155 8.43 18.23 -21.07
C THR B 155 8.37 17.77 -19.60
N GLU B 156 8.23 18.72 -18.67
CA GLU B 156 8.07 18.40 -17.25
C GLU B 156 6.67 17.90 -16.87
N CYS B 157 5.70 18.06 -17.77
CA CYS B 157 4.35 17.50 -17.61
C CYS B 157 4.12 16.24 -18.48
N ASN B 158 5.16 15.41 -18.61
CA ASN B 158 5.11 14.22 -19.47
C ASN B 158 5.14 12.89 -18.71
N SER B 159 4.42 12.83 -17.59
CA SER B 159 4.12 11.55 -16.92
C SER B 159 2.87 10.99 -17.57
N VAL B 160 2.90 9.71 -17.91
CA VAL B 160 1.76 9.03 -18.55
C VAL B 160 0.50 9.10 -17.68
N CYS B 161 -0.65 9.26 -18.33
CA CYS B 161 -1.94 9.14 -17.65
C CYS B 161 -2.15 7.66 -17.32
N PHE B 162 -2.59 7.39 -16.09
CA PHE B 162 -2.69 6.01 -15.58
C PHE B 162 -3.70 5.15 -16.37
N GLY B 163 -4.71 5.79 -16.94
CA GLY B 163 -5.66 5.13 -17.82
C GLY B 163 -5.17 4.96 -19.25
N ASP B 164 -4.50 5.98 -19.79
CA ASP B 164 -4.05 6.01 -21.19
C ASP B 164 -2.58 6.44 -21.29
N HIS B 165 -1.71 5.53 -21.73
CA HIS B 165 -0.27 5.79 -21.87
C HIS B 165 0.10 6.67 -23.07
N THR B 166 -0.85 6.93 -23.97
CA THR B 166 -0.65 7.84 -25.11
C THR B 166 -0.85 9.34 -24.76
N GLN B 167 -1.17 9.65 -23.50
CA GLN B 167 -1.49 11.01 -23.08
C GLN B 167 -0.59 11.49 -21.92
N PRO B 168 -0.25 12.80 -21.88
CA PRO B 168 0.45 13.39 -20.73
C PRO B 168 -0.52 13.84 -19.62
N CYS B 169 -0.15 13.59 -18.36
CA CYS B 169 -0.96 13.97 -17.20
C CYS B 169 -0.08 14.57 -16.09
N GLY B 170 0.64 15.63 -16.44
CA GLY B 170 1.44 16.39 -15.48
C GLY B 170 2.68 15.66 -15.02
N GLY B 171 3.12 15.95 -13.80
CA GLY B 171 4.30 15.31 -13.21
C GLY B 171 4.47 15.58 -11.73
N ASP B 172 5.71 15.43 -11.27
CA ASP B 172 6.05 15.62 -9.86
C ASP B 172 6.08 17.12 -9.52
N GLY B 173 4.99 17.60 -8.92
CA GLY B 173 4.80 19.04 -8.65
C GLY B 173 4.59 19.85 -9.92
N ARG B 174 3.97 19.24 -10.93
CA ARG B 174 3.77 19.86 -12.25
C ARG B 174 2.38 19.50 -12.78
N ILE B 175 1.57 20.52 -13.04
CA ILE B 175 0.17 20.33 -13.46
C ILE B 175 -0.04 20.77 -14.93
N ILE B 176 -0.58 19.87 -15.74
CA ILE B 176 -1.01 20.20 -17.11
C ILE B 176 -2.49 20.59 -17.07
N LEU B 177 -2.81 21.80 -17.53
CA LEU B 177 -4.18 22.33 -17.46
C LEU B 177 -4.92 22.21 -18.79
N PHE B 178 -6.25 22.13 -18.69
CA PHE B 178 -7.14 22.05 -19.85
C PHE B 178 -8.41 22.85 -19.59
N ASP B 179 -8.89 23.57 -20.60
CA ASP B 179 -10.20 24.20 -20.56
C ASP B 179 -11.24 23.07 -20.69
N THR B 180 -12.26 23.10 -19.84
CA THR B 180 -13.25 22.02 -19.77
C THR B 180 -14.20 21.93 -20.98
N LEU B 181 -14.17 22.93 -21.87
CA LEU B 181 -14.81 22.83 -23.19
C LEU B 181 -14.24 21.72 -24.07
N VAL B 182 -12.98 21.34 -23.85
CA VAL B 182 -12.30 20.30 -24.64
C VAL B 182 -12.96 18.94 -24.38
N GLY B 183 -13.53 18.35 -25.43
CA GLY B 183 -14.18 17.05 -25.34
C GLY B 183 -15.54 17.03 -24.66
N ALA B 184 -16.17 18.20 -24.53
CA ALA B 184 -17.51 18.29 -23.95
C ALA B 184 -18.55 17.98 -25.01
N CYS B 185 -19.60 17.25 -24.63
CA CYS B 185 -20.71 16.96 -25.53
C CYS B 185 -21.60 18.21 -25.63
N GLY B 186 -21.14 19.16 -26.44
CA GLY B 186 -21.80 20.45 -26.63
C GLY B 186 -21.14 21.60 -25.87
N GLY B 187 -21.41 22.81 -26.34
CA GLY B 187 -20.83 24.03 -25.75
C GLY B 187 -20.95 25.24 -26.67
N ASN B 188 -20.81 26.43 -26.09
CA ASN B 188 -20.89 27.69 -26.84
C ASN B 188 -19.50 28.29 -27.06
N TYR B 189 -19.26 28.80 -28.28
CA TYR B 189 -17.99 29.40 -28.67
C TYR B 189 -18.22 30.79 -29.26
N SER B 190 -17.67 31.81 -28.61
CA SER B 190 -17.84 33.21 -29.04
C SER B 190 -16.51 33.95 -29.34
N ALA B 191 -15.39 33.22 -29.38
CA ALA B 191 -14.09 33.82 -29.67
C ALA B 191 -13.92 34.04 -31.18
N MET B 192 -12.90 34.83 -31.53
CA MET B 192 -12.52 35.03 -32.94
C MET B 192 -12.02 33.73 -33.57
N SER B 193 -11.16 33.02 -32.83
CA SER B 193 -10.64 31.72 -33.24
C SER B 193 -10.58 30.77 -32.06
N SER B 194 -11.15 29.57 -32.24
CA SER B 194 -11.09 28.51 -31.23
C SER B 194 -11.24 27.15 -31.89
N VAL B 195 -10.97 26.09 -31.13
CA VAL B 195 -11.02 24.70 -31.63
C VAL B 195 -12.13 23.91 -30.94
N VAL B 196 -12.84 23.11 -31.74
CA VAL B 196 -13.91 22.24 -31.26
C VAL B 196 -13.51 20.79 -31.52
N TYR B 197 -13.35 20.00 -30.46
CA TYR B 197 -12.99 18.59 -30.57
C TYR B 197 -14.23 17.70 -30.53
N SER B 198 -14.02 16.41 -30.83
CA SER B 198 -15.06 15.40 -30.71
C SER B 198 -15.37 15.16 -29.22
N PRO B 199 -16.55 14.56 -28.92
CA PRO B 199 -16.80 14.19 -27.52
C PRO B 199 -15.80 13.15 -27.02
N ASP B 200 -15.42 13.29 -25.75
CA ASP B 200 -14.44 12.43 -25.08
C ASP B 200 -12.98 12.56 -25.56
N PHE B 201 -12.65 13.65 -26.28
CA PHE B 201 -11.27 13.91 -26.72
C PHE B 201 -10.45 14.36 -25.52
N PRO B 202 -9.20 13.90 -25.34
CA PRO B 202 -8.41 13.13 -26.31
C PRO B 202 -8.51 11.60 -26.27
N ASP B 203 -9.47 11.04 -25.52
CA ASP B 203 -9.78 9.60 -25.64
C ASP B 203 -10.61 9.38 -26.90
N THR B 204 -10.83 8.11 -27.25
CA THR B 204 -11.67 7.76 -28.40
C THR B 204 -13.13 8.07 -28.08
N TYR B 205 -13.84 8.69 -29.03
CA TYR B 205 -15.23 9.11 -28.84
C TYR B 205 -16.15 7.91 -28.58
N ALA B 206 -17.07 8.07 -27.62
CA ALA B 206 -17.94 6.98 -27.20
C ALA B 206 -19.06 6.74 -28.21
N THR B 207 -19.61 5.52 -28.17
CA THR B 207 -20.69 5.11 -29.07
C THR B 207 -22.03 5.72 -28.63
N GLY B 208 -22.85 6.10 -29.61
CA GLY B 208 -24.18 6.66 -29.36
C GLY B 208 -24.22 8.12 -28.91
N ARG B 209 -23.12 8.84 -29.10
CA ARG B 209 -23.05 10.28 -28.79
C ARG B 209 -23.81 11.10 -29.83
N VAL B 210 -24.57 12.09 -29.35
CA VAL B 210 -25.16 13.13 -30.21
C VAL B 210 -24.89 14.48 -29.55
N CYS B 211 -23.90 15.21 -30.07
CA CYS B 211 -23.41 16.45 -29.48
C CYS B 211 -23.40 17.56 -30.52
N TYR B 212 -23.66 18.80 -30.08
CA TYR B 212 -23.66 19.97 -30.97
C TYR B 212 -23.05 21.20 -30.29
N TRP B 213 -22.16 21.89 -31.02
CA TRP B 213 -21.45 23.05 -30.50
C TRP B 213 -21.85 24.30 -31.28
N THR B 214 -22.25 25.35 -30.57
CA THR B 214 -22.67 26.62 -31.18
C THR B 214 -21.49 27.57 -31.34
N ILE B 215 -21.05 27.76 -32.58
CA ILE B 215 -20.05 28.77 -32.93
C ILE B 215 -20.79 30.01 -33.41
N ARG B 216 -20.74 31.09 -32.62
CA ARG B 216 -21.39 32.35 -32.97
C ARG B 216 -20.47 33.54 -32.64
N VAL B 217 -20.06 34.26 -33.69
CA VAL B 217 -19.15 35.40 -33.56
C VAL B 217 -19.83 36.64 -34.14
N PRO B 218 -20.56 37.42 -33.31
CA PRO B 218 -21.20 38.66 -33.75
C PRO B 218 -20.25 39.65 -34.43
N GLY B 219 -20.54 39.99 -35.69
CA GLY B 219 -19.70 40.87 -36.50
C GLY B 219 -18.94 40.19 -37.62
N ALA B 220 -18.72 38.86 -37.50
CA ALA B 220 -17.96 38.10 -38.49
C ALA B 220 -18.66 38.04 -39.85
N SER B 221 -17.94 38.42 -40.90
CA SER B 221 -18.46 38.34 -42.27
C SER B 221 -18.51 36.89 -42.75
N HIS B 222 -17.41 36.16 -42.53
CA HIS B 222 -17.33 34.73 -42.80
C HIS B 222 -16.42 34.02 -41.80
N ILE B 223 -16.60 32.70 -41.68
CA ILE B 223 -15.80 31.87 -40.77
C ILE B 223 -15.04 30.83 -41.58
N HIS B 224 -13.72 30.76 -41.36
CA HIS B 224 -12.82 29.84 -42.07
C HIS B 224 -12.63 28.55 -41.27
N PHE B 225 -13.35 27.50 -41.68
CA PHE B 225 -13.28 26.19 -41.00
C PHE B 225 -12.16 25.33 -41.58
N SER B 226 -11.32 24.77 -40.71
CA SER B 226 -10.27 23.82 -41.10
C SER B 226 -10.31 22.59 -40.19
N PHE B 227 -9.86 21.46 -40.73
CA PHE B 227 -9.88 20.17 -40.03
C PHE B 227 -8.46 19.59 -39.96
N PRO B 228 -7.63 20.09 -39.02
CA PRO B 228 -6.29 19.51 -38.82
C PRO B 228 -6.28 18.03 -38.40
N LEU B 229 -7.27 17.61 -37.62
CA LEU B 229 -7.46 16.20 -37.26
C LEU B 229 -8.87 15.76 -37.69
N PHE B 230 -8.95 14.62 -38.36
CA PHE B 230 -10.23 14.01 -38.73
C PHE B 230 -10.07 12.50 -38.89
N ASP B 231 -10.21 11.79 -37.76
CA ASP B 231 -10.17 10.33 -37.72
C ASP B 231 -11.55 9.82 -37.27
N ILE B 232 -12.47 9.76 -38.23
CA ILE B 232 -13.81 9.20 -38.04
C ILE B 232 -13.85 7.87 -38.79
N ARG B 233 -14.28 6.81 -38.10
CA ARG B 233 -14.15 5.44 -38.62
C ARG B 233 -15.23 5.09 -39.64
N ASP B 234 -16.48 5.05 -39.20
CA ASP B 234 -17.58 4.49 -39.99
C ASP B 234 -18.26 5.54 -40.87
N SER B 235 -19.00 5.06 -41.87
CA SER B 235 -19.87 5.90 -42.69
C SER B 235 -21.09 6.40 -41.90
N ALA B 236 -21.57 5.56 -40.98
CA ALA B 236 -22.65 5.95 -40.06
C ALA B 236 -22.24 7.06 -39.08
N ASP B 237 -20.97 7.09 -38.71
CA ASP B 237 -20.40 8.20 -37.94
C ASP B 237 -20.28 9.41 -38.86
N MET B 238 -20.68 10.59 -38.39
CA MET B 238 -20.62 11.80 -39.23
C MET B 238 -20.56 13.12 -38.46
N VAL B 239 -19.80 14.06 -39.00
CA VAL B 239 -19.72 15.43 -38.51
C VAL B 239 -20.46 16.32 -39.51
N GLU B 240 -21.38 17.15 -38.99
CA GLU B 240 -22.21 18.02 -39.83
C GLU B 240 -22.09 19.49 -39.40
N LEU B 241 -22.05 20.38 -40.38
CA LEU B 241 -22.14 21.83 -40.13
C LEU B 241 -23.54 22.29 -40.53
N LEU B 242 -24.25 22.93 -39.58
CA LEU B 242 -25.60 23.44 -39.81
C LEU B 242 -25.61 24.96 -39.76
N ASP B 243 -26.46 25.56 -40.60
CA ASP B 243 -26.72 27.01 -40.55
C ASP B 243 -27.45 27.28 -39.24
N GLY B 244 -26.88 28.15 -38.41
CA GLY B 244 -27.44 28.47 -37.09
C GLY B 244 -28.86 29.00 -37.12
N TYR B 245 -29.18 29.79 -38.15
CA TYR B 245 -30.49 30.44 -38.27
C TYR B 245 -31.57 29.47 -38.74
N THR B 246 -31.32 28.80 -39.86
CA THR B 246 -32.30 27.92 -40.51
C THR B 246 -32.22 26.44 -40.12
N HIS B 247 -31.10 26.02 -39.52
CA HIS B 247 -30.80 24.61 -39.22
C HIS B 247 -30.77 23.73 -40.49
N ARG B 248 -30.25 24.31 -41.57
CA ARG B 248 -30.07 23.62 -42.84
C ARG B 248 -28.68 22.98 -42.83
N VAL B 249 -28.59 21.73 -43.29
CA VAL B 249 -27.32 20.99 -43.28
C VAL B 249 -26.42 21.51 -44.40
N LEU B 250 -25.32 22.15 -44.01
CA LEU B 250 -24.39 22.79 -44.97
C LEU B 250 -23.49 21.74 -45.61
N ALA B 251 -22.82 20.95 -44.77
CA ALA B 251 -21.90 19.91 -45.21
C ALA B 251 -22.07 18.64 -44.36
N ARG B 252 -21.72 17.50 -44.95
CA ARG B 252 -21.71 16.21 -44.26
C ARG B 252 -20.34 15.56 -44.45
N PHE B 253 -19.68 15.22 -43.35
CA PHE B 253 -18.37 14.56 -43.37
C PHE B 253 -18.44 13.26 -42.56
N HIS B 254 -18.26 12.13 -43.24
CA HIS B 254 -18.24 10.80 -42.62
C HIS B 254 -16.96 10.05 -43.01
N GLY B 255 -16.77 8.84 -42.49
CA GLY B 255 -15.56 8.04 -42.71
C GLY B 255 -15.09 7.91 -44.16
N ARG B 256 -16.04 7.71 -45.07
CA ARG B 256 -15.77 7.66 -46.52
C ARG B 256 -16.01 9.01 -47.25
N SER B 257 -15.91 10.12 -46.54
CA SER B 257 -16.00 11.46 -47.14
C SER B 257 -15.27 12.47 -46.25
N ARG B 258 -13.96 12.57 -46.45
CA ARG B 258 -13.11 13.47 -45.67
C ARG B 258 -13.36 14.93 -46.05
N PRO B 259 -13.12 15.87 -45.10
CA PRO B 259 -13.26 17.29 -45.42
C PRO B 259 -12.06 17.80 -46.23
N PRO B 260 -12.18 19.01 -46.81
CA PRO B 260 -10.99 19.61 -47.44
C PRO B 260 -9.96 20.07 -46.41
N LEU B 261 -8.89 20.72 -46.87
CA LEU B 261 -7.94 21.37 -45.95
C LEU B 261 -8.68 22.44 -45.16
N SER B 262 -9.44 23.27 -45.88
CA SER B 262 -10.34 24.25 -45.26
C SER B 262 -11.40 24.76 -46.23
N PHE B 263 -12.43 25.42 -45.70
CA PHE B 263 -13.44 26.10 -46.51
C PHE B 263 -14.14 27.23 -45.74
N ASN B 264 -14.56 28.26 -46.47
CA ASN B 264 -15.24 29.42 -45.89
C ASN B 264 -16.76 29.28 -45.93
N VAL B 265 -17.41 29.72 -44.86
CA VAL B 265 -18.87 29.83 -44.78
C VAL B 265 -19.19 31.27 -44.42
N SER B 266 -19.95 31.96 -45.27
CA SER B 266 -20.29 33.37 -45.04
C SER B 266 -21.46 33.51 -44.06
N LEU B 267 -21.19 33.20 -42.80
CA LEU B 267 -22.17 33.31 -41.71
C LEU B 267 -21.46 33.69 -40.43
N ASP B 268 -22.23 34.27 -39.50
CA ASP B 268 -21.74 34.62 -38.16
C ASP B 268 -22.31 33.68 -37.08
N PHE B 269 -22.82 32.52 -37.48
CA PHE B 269 -23.60 31.66 -36.59
C PHE B 269 -23.76 30.26 -37.21
N VAL B 270 -22.88 29.35 -36.81
CA VAL B 270 -22.83 27.97 -37.34
C VAL B 270 -22.94 26.98 -36.18
N ILE B 271 -23.70 25.90 -36.39
CA ILE B 271 -23.85 24.82 -35.40
C ILE B 271 -23.15 23.56 -35.90
N LEU B 272 -22.00 23.24 -35.32
CA LEU B 272 -21.31 21.98 -35.58
C LEU B 272 -22.04 20.86 -34.85
N TYR B 273 -22.34 19.76 -35.55
CA TYR B 273 -22.95 18.57 -34.98
C TYR B 273 -22.02 17.38 -35.12
N PHE B 274 -22.21 16.38 -34.25
CA PHE B 274 -21.51 15.10 -34.36
C PHE B 274 -22.44 13.96 -33.95
N PHE B 275 -22.41 12.88 -34.74
CA PHE B 275 -23.21 11.69 -34.50
C PHE B 275 -22.30 10.47 -34.52
N SER B 276 -22.30 9.68 -33.44
CA SER B 276 -21.50 8.47 -33.35
C SER B 276 -22.42 7.24 -33.31
N ASP B 277 -22.14 6.27 -34.18
CA ASP B 277 -22.93 5.04 -34.29
C ASP B 277 -22.59 4.05 -33.15
N ARG B 278 -23.11 2.82 -33.25
CA ARG B 278 -22.89 1.78 -32.24
C ARG B 278 -22.08 0.60 -32.82
N ILE B 279 -20.97 0.93 -33.50
CA ILE B 279 -20.11 -0.08 -34.15
C ILE B 279 -18.64 0.09 -33.75
N ASN B 280 -17.99 1.16 -34.22
CA ASN B 280 -16.55 1.36 -34.04
C ASN B 280 -16.23 2.77 -33.54
N GLN B 281 -15.19 2.87 -32.72
CA GLN B 281 -14.71 4.16 -32.19
C GLN B 281 -13.35 4.51 -32.79
N ALA B 282 -13.03 5.80 -32.78
CA ALA B 282 -11.76 6.31 -33.31
C ALA B 282 -11.32 7.55 -32.52
N GLN B 283 -10.13 8.08 -32.86
CA GLN B 283 -9.57 9.26 -32.18
C GLN B 283 -10.49 10.48 -32.21
N GLY B 284 -11.18 10.68 -33.34
CA GLY B 284 -12.19 11.74 -33.48
C GLY B 284 -11.77 12.84 -34.43
N PHE B 285 -11.95 14.10 -34.00
CA PHE B 285 -11.63 15.25 -34.85
C PHE B 285 -11.20 16.48 -34.03
N ALA B 286 -10.80 17.53 -34.75
CA ALA B 286 -10.49 18.83 -34.15
C ALA B 286 -10.72 19.95 -35.17
N VAL B 287 -11.86 20.63 -35.07
CA VAL B 287 -12.24 21.68 -36.02
C VAL B 287 -11.77 23.05 -35.55
N LEU B 288 -10.72 23.57 -36.19
CA LEU B 288 -10.25 24.94 -35.96
C LEU B 288 -11.03 25.90 -36.84
N TYR B 289 -11.79 26.81 -36.22
CA TYR B 289 -12.47 27.89 -36.94
C TYR B 289 -11.73 29.22 -36.74
N GLN B 290 -11.91 30.13 -37.71
CA GLN B 290 -11.27 31.45 -37.68
C GLN B 290 -12.20 32.48 -38.30
N ALA B 291 -12.84 33.30 -37.45
CA ALA B 291 -13.76 34.34 -37.91
C ALA B 291 -13.01 35.51 -38.54
N VAL B 292 -13.63 36.13 -39.54
CA VAL B 292 -13.04 37.25 -40.28
C VAL B 292 -14.01 38.44 -40.29
N LYS B 293 -13.49 39.63 -40.01
CA LYS B 293 -14.27 40.87 -39.96
C LYS B 293 -13.72 41.88 -40.96
N LYS C 1 4.01 16.09 7.77
CA LYS C 1 4.17 15.74 6.33
C LYS C 1 4.52 14.25 6.13
N GLY C 2 4.52 13.81 4.88
CA GLY C 2 4.67 12.41 4.51
C GLY C 2 5.95 11.72 5.00
N GLN C 3 5.79 10.49 5.48
CA GLN C 3 6.91 9.64 5.92
C GLN C 3 7.21 8.65 4.80
N GLU C 4 8.25 7.83 4.98
CA GLU C 4 8.60 6.78 4.01
C GLU C 4 7.48 5.73 3.92
N GLY C 5 6.89 5.60 2.73
CA GLY C 5 5.77 4.69 2.49
C GLY C 5 4.39 5.33 2.51
N SER C 6 4.28 6.56 3.04
CA SER C 6 3.00 7.28 3.08
C SER C 6 2.60 7.77 1.69
N VAL C 7 1.29 7.86 1.46
CA VAL C 7 0.74 8.25 0.16
C VAL C 7 0.98 9.75 -0.08
N CYS C 8 1.48 10.08 -1.27
CA CYS C 8 1.76 11.46 -1.67
C CYS C 8 1.26 11.72 -3.09
N LEU C 9 1.17 13.01 -3.43
CA LEU C 9 0.88 13.46 -4.80
C LEU C 9 2.13 14.08 -5.42
N ARG C 10 2.74 15.02 -4.71
CA ARG C 10 3.97 15.72 -5.15
C ARG C 10 5.12 15.38 -4.20
N SER C 11 6.35 15.67 -4.63
CA SER C 11 7.53 15.53 -3.78
C SER C 11 7.59 16.55 -2.62
N SER C 12 6.88 17.67 -2.78
CA SER C 12 6.72 18.66 -1.71
C SER C 12 5.96 18.11 -0.48
N ASP C 13 5.05 17.17 -0.72
CA ASP C 13 4.29 16.52 0.37
C ASP C 13 5.17 15.66 1.28
N CYS C 14 6.22 15.05 0.71
CA CYS C 14 7.14 14.19 1.46
C CYS C 14 8.12 14.98 2.33
N ALA C 15 8.87 14.25 3.15
CA ALA C 15 9.90 14.83 4.03
C ALA C 15 11.15 15.29 3.26
N SER C 16 12.16 15.77 3.99
CA SER C 16 13.38 16.34 3.41
C SER C 16 14.17 15.38 2.50
N GLY C 17 14.45 14.19 3.02
CA GLY C 17 15.23 13.18 2.30
C GLY C 17 14.40 12.11 1.60
N LEU C 18 13.26 12.52 1.03
CA LEU C 18 12.35 11.62 0.32
C LEU C 18 11.79 12.31 -0.92
N CYS C 19 11.38 11.51 -1.91
CA CYS C 19 10.71 12.02 -3.11
C CYS C 19 9.47 11.17 -3.41
N CYS C 20 8.53 11.75 -4.13
CA CYS C 20 7.24 11.12 -4.43
C CYS C 20 7.31 10.36 -5.76
N ALA C 21 7.36 9.03 -5.67
CA ALA C 21 7.50 8.15 -6.85
C ALA C 21 6.41 7.08 -6.85
N ARG C 22 6.01 6.67 -8.06
CA ARG C 22 4.87 5.74 -8.23
C ARG C 22 5.20 4.27 -7.98
N HIS C 23 4.36 3.62 -7.16
CA HIS C 23 4.43 2.19 -6.88
C HIS C 23 3.06 1.57 -7.19
N PHE C 24 3.03 0.66 -8.16
CA PHE C 24 1.78 0.11 -8.72
C PHE C 24 0.92 1.19 -9.41
N TRP C 25 -0.18 1.63 -8.78
CA TRP C 25 -1.05 2.68 -9.34
C TRP C 25 -1.43 3.71 -8.26
N SER C 26 -0.40 4.15 -7.53
CA SER C 26 -0.49 5.26 -6.58
C SER C 26 0.93 5.66 -6.20
N LYS C 27 1.13 6.92 -5.81
CA LYS C 27 2.46 7.42 -5.46
C LYS C 27 2.69 7.41 -3.95
N ILE C 28 3.89 6.98 -3.56
CA ILE C 28 4.31 6.92 -2.16
C ILE C 28 5.70 7.53 -2.01
N CYS C 29 5.99 8.07 -0.82
CA CYS C 29 7.27 8.72 -0.55
C CYS C 29 8.39 7.69 -0.43
N LYS C 30 9.35 7.75 -1.35
CA LYS C 30 10.51 6.86 -1.36
C LYS C 30 11.78 7.69 -1.11
N PRO C 31 12.84 7.05 -0.59
CA PRO C 31 14.08 7.79 -0.26
C PRO C 31 14.92 8.13 -1.49
N VAL C 32 15.56 9.31 -1.45
CA VAL C 32 16.49 9.73 -2.51
C VAL C 32 17.76 8.88 -2.48
N LEU C 33 18.31 8.62 -3.66
CA LEU C 33 19.48 7.74 -3.80
C LEU C 33 20.77 8.47 -3.47
N LYS C 34 21.68 7.79 -2.78
CA LYS C 34 23.02 8.30 -2.48
C LYS C 34 24.05 7.62 -3.39
N GLU C 35 25.31 8.05 -3.28
CA GLU C 35 26.40 7.53 -4.13
C GLU C 35 26.59 6.02 -3.96
N GLY C 36 26.60 5.30 -5.09
CA GLY C 36 26.74 3.84 -5.11
C GLY C 36 25.45 3.07 -5.37
N GLN C 37 24.32 3.63 -4.95
CA GLN C 37 23.02 2.97 -5.10
C GLN C 37 22.52 3.01 -6.54
N VAL C 38 21.76 1.97 -6.92
CA VAL C 38 21.32 1.78 -8.30
C VAL C 38 20.17 2.73 -8.66
N CYS C 39 20.31 3.41 -9.79
CA CYS C 39 19.31 4.36 -10.32
C CYS C 39 18.67 3.84 -11.59
N THR C 40 17.51 4.42 -11.93
CA THR C 40 16.76 4.03 -13.13
C THR C 40 17.36 4.68 -14.38
N LYS C 41 17.48 3.91 -15.44
CA LYS C 41 17.84 4.42 -16.77
C LYS C 41 17.08 3.61 -17.83
N HIS C 42 16.19 4.29 -18.56
CA HIS C 42 15.26 3.63 -19.47
C HIS C 42 15.91 3.37 -20.82
N ARG C 43 15.90 2.11 -21.26
CA ARG C 43 16.36 1.74 -22.61
C ARG C 43 15.36 2.26 -23.65
N ARG C 44 14.21 1.58 -23.77
CA ARG C 44 13.14 2.02 -24.68
C ARG C 44 12.44 3.25 -24.13
N LYS C 45 11.79 3.99 -25.02
CA LYS C 45 11.07 5.20 -24.65
C LYS C 45 9.72 4.86 -24.01
N GLY C 46 9.07 3.81 -24.52
CA GLY C 46 7.83 3.30 -23.94
C GLY C 46 7.96 2.73 -22.53
N SER C 47 9.15 2.24 -22.19
CA SER C 47 9.41 1.69 -20.84
C SER C 47 9.32 2.75 -19.72
N HIS C 48 9.50 4.03 -20.07
CA HIS C 48 9.26 5.14 -19.14
C HIS C 48 7.79 5.20 -18.74
N GLY C 49 6.90 5.09 -19.73
CA GLY C 49 5.46 5.07 -19.50
C GLY C 49 4.96 3.83 -18.76
N LEU C 50 5.56 2.68 -19.06
CA LEU C 50 5.18 1.40 -18.46
C LEU C 50 5.74 1.17 -17.06
N GLU C 51 6.71 2.00 -16.64
CA GLU C 51 7.32 1.89 -15.31
C GLU C 51 6.32 2.19 -14.20
N ILE C 52 5.96 1.17 -13.42
CA ILE C 52 5.10 1.31 -12.23
C ILE C 52 5.86 1.16 -10.91
N PHE C 53 7.18 0.99 -10.96
CA PHE C 53 8.02 0.85 -9.78
C PHE C 53 9.17 1.85 -9.86
N GLN C 54 8.80 3.13 -9.73
CA GLN C 54 9.72 4.24 -9.98
C GLN C 54 10.67 4.47 -8.81
N ARG C 55 11.96 4.57 -9.11
CA ARG C 55 12.98 5.01 -8.14
C ARG C 55 13.01 6.53 -8.08
N CYS C 56 13.55 7.04 -6.97
CA CYS C 56 13.81 8.48 -6.85
C CYS C 56 15.10 8.88 -7.58
N TYR C 57 15.23 10.18 -7.82
CA TYR C 57 16.43 10.77 -8.41
C TYR C 57 17.67 10.61 -7.52
N CYS C 58 18.85 10.70 -8.14
CA CYS C 58 20.12 10.75 -7.40
C CYS C 58 20.22 12.08 -6.65
N GLY C 59 20.90 12.06 -5.50
CA GLY C 59 20.97 13.23 -4.61
C GLY C 59 21.76 14.41 -5.13
N GLU C 60 21.98 15.38 -4.25
CA GLU C 60 22.69 16.63 -4.62
C GLU C 60 24.15 16.35 -4.97
N GLY C 61 24.53 16.73 -6.19
CA GLY C 61 25.87 16.46 -6.70
C GLY C 61 26.09 15.01 -7.08
N LEU C 62 25.07 14.37 -7.67
CA LEU C 62 25.14 12.99 -8.15
C LEU C 62 24.41 12.85 -9.48
N SER C 63 24.98 12.02 -10.37
CA SER C 63 24.43 11.78 -11.71
C SER C 63 24.30 10.29 -11.96
N CYS C 64 23.21 9.90 -12.62
CA CYS C 64 22.91 8.49 -12.88
C CYS C 64 23.75 7.98 -14.07
N ARG C 65 24.96 7.52 -13.77
CA ARG C 65 25.91 7.04 -14.77
C ARG C 65 26.08 5.51 -14.69
N ILE C 66 26.67 4.93 -15.73
CA ILE C 66 26.84 3.47 -15.83
C ILE C 66 27.92 2.97 -14.87
N GLN C 67 27.79 1.72 -14.43
CA GLN C 67 28.77 1.07 -13.56
C GLN C 67 30.09 0.81 -14.28
N LYS C 68 31.17 0.68 -13.51
CA LYS C 68 32.52 0.48 -14.06
C LYS C 68 33.36 -0.39 -13.14
N ARG C 78 23.64 -3.91 -18.74
CA ARG C 78 24.36 -3.30 -17.63
C ARG C 78 23.50 -2.27 -16.89
N LEU C 79 23.85 -2.04 -15.63
CA LEU C 79 23.09 -1.17 -14.72
C LEU C 79 23.74 0.19 -14.55
N HIS C 80 23.00 1.13 -13.98
CA HIS C 80 23.47 2.48 -13.69
C HIS C 80 23.41 2.77 -12.18
N THR C 81 24.37 3.55 -11.69
CA THR C 81 24.45 3.94 -10.28
C THR C 81 24.72 5.44 -10.15
N CYS C 82 24.33 6.01 -9.01
CA CYS C 82 24.56 7.44 -8.74
C CYS C 82 26.04 7.69 -8.45
N GLN C 83 26.65 8.56 -9.24
CA GLN C 83 28.08 8.90 -9.11
C GLN C 83 28.26 10.42 -9.25
N ARG C 84 29.31 10.95 -8.63
CA ARG C 84 29.57 12.40 -8.66
C ARG C 84 30.07 12.87 -10.03
N HIS C 85 30.00 14.18 -10.25
CA HIS C 85 30.27 14.77 -11.57
C HIS C 85 31.76 14.81 -11.89
#